data_8VKP
#
_entry.id   8VKP
#
_cell.length_a   1.00
_cell.length_b   1.00
_cell.length_c   1.00
_cell.angle_alpha   90.00
_cell.angle_beta   90.00
_cell.angle_gamma   90.00
#
_symmetry.space_group_name_H-M   'P 1'
#
loop_
_entity.id
_entity.type
_entity.pdbx_description
1 polymer 'Spike protein S1'
2 polymer 'Processed angiotensin-converting enzyme 2'
3 branched 2-acetamido-2-deoxy-beta-D-glucopyranose-(1-4)-2-acetamido-2-deoxy-beta-D-glucopyranose
4 non-polymer 2-acetamido-2-deoxy-beta-D-glucopyranose
#
loop_
_entity_poly.entity_id
_entity_poly.type
_entity_poly.pdbx_seq_one_letter_code
_entity_poly.pdbx_strand_id
1 'polypeptide(L)'
;PNITNLCPFHEVFNATTFASVYAWNRKRISNCVADYSVIYNFAPFFAFKCYGVSPTKLNDLCFTNVYADSFVIRGNEVSQ
IAPGQTGNIADYNYKLPDDFTGCVIAWNSNKLDSKPSGNYNYLYRLFRKSKLKPFERDISTEIYQAGNKPCNGVAGPNCY
SPLQSYGFRPTYGVGHQPYRVVVLSFELLHAPATVCGPKKS
;
A
2 'polypeptide(L)'
;QSTIEEQAKTFLDKFNHEAEDLFYQSSLASWNYNTNITEENVQNMNNAGDKWSAFLKEQSTLAQMYPLQEIQNLTVKLQL
QALQQNGSSVLSEDKSKRLNTILNTMSTIYSTGKVCNPDNPQECLLLEPGLNEIMANSLDYNERLWAWESWRSEVGKQLR
PLYEEYVVLKNEMARANHYEDYGDYWRGDYEVNGVDGYDYSRGQLIEDVEHTFEEIKPLYEHLHAYVRAKLMNAYPSYIS
PIGCLPAHLLGDMWGRFWTNLYSLTVPFGQKPNIDVTDAMVDQAWDAQRIFKEAEKFFVSVGLPNMTQGFWENSMLTDPG
NVQKAVCHPTAWDLGKGDFRILMCTKVTMDDFLTAHHEMGHIQYDMAYAAQPFLLRNGANEGFHEAVGEIMSLSAATPKH
LKSIGLLSPDFQEDNETEINFLLKQALTIVGTLPFTYMLEKWRWMVFKGEIPKDQWMKKWWEMKREIVGVVEPVPHDETY
CDPASLFHVSNDYSFIRYYTRTLYQFQFQEALCQAAKHEGPLHKCDISNSTEAGQKLFNMLRLGKSEPWTLALENVVGAK
NMNVRPLLNYFEPLFTWLKDQNKNSFVGWSTDWSPYADHHHHHHHH
;
D
#
loop_
_chem_comp.id
_chem_comp.type
_chem_comp.name
_chem_comp.formula
NAG D-saccharide, beta linking 2-acetamido-2-deoxy-beta-D-glucopyranose 'C8 H15 N O6'
#
# COMPACT_ATOMS: atom_id res chain seq x y z
N PRO A 1 37.56 -47.17 27.28
CA PRO A 1 38.71 -47.03 26.37
C PRO A 1 38.80 -45.62 25.81
N ASN A 2 39.94 -45.28 25.20
CA ASN A 2 40.18 -43.94 24.66
C ASN A 2 39.10 -43.55 23.66
N ILE A 3 38.71 -42.30 23.67
CA ILE A 3 37.70 -41.81 22.75
C ILE A 3 38.40 -41.29 21.51
N THR A 4 38.12 -41.92 20.36
CA THR A 4 38.67 -41.52 19.08
C THR A 4 37.60 -41.85 18.04
N ASN A 5 37.91 -41.52 16.78
CA ASN A 5 37.08 -41.78 15.61
C ASN A 5 35.67 -41.21 15.81
N LEU A 6 35.62 -39.93 16.13
CA LEU A 6 34.35 -39.24 16.26
C LEU A 6 33.66 -39.12 14.90
N CYS A 7 32.33 -39.06 14.93
CA CYS A 7 31.57 -39.00 13.69
C CYS A 7 31.76 -37.64 13.03
N PRO A 8 31.87 -37.58 11.71
CA PRO A 8 32.18 -36.31 11.04
C PRO A 8 30.97 -35.38 10.95
N PHE A 9 30.64 -34.77 12.08
CA PHE A 9 29.57 -33.78 12.09
C PHE A 9 30.08 -32.41 11.68
N HIS A 10 31.39 -32.19 11.75
CA HIS A 10 31.98 -30.91 11.40
C HIS A 10 32.09 -30.73 9.89
N GLU A 11 31.67 -31.72 9.12
CA GLU A 11 31.70 -31.72 7.68
C GLU A 11 30.30 -31.68 7.10
N VAL A 12 29.29 -31.81 7.94
CA VAL A 12 27.91 -31.71 7.54
C VAL A 12 27.35 -30.34 7.93
N PHE A 13 27.60 -29.90 9.16
CA PHE A 13 27.06 -28.64 9.62
C PHE A 13 27.99 -27.47 9.32
N ASN A 14 29.02 -27.69 8.51
CA ASN A 14 29.99 -26.64 8.25
C ASN A 14 30.68 -26.92 6.93
N ALA A 15 29.91 -26.95 5.84
CA ALA A 15 30.47 -27.19 4.53
C ALA A 15 30.53 -25.86 3.82
N THR A 16 31.49 -25.72 2.90
CA THR A 16 31.58 -24.45 2.18
C THR A 16 30.43 -24.28 1.19
N THR A 17 29.69 -25.35 0.88
CA THR A 17 28.68 -25.36 -0.16
C THR A 17 27.63 -26.36 0.26
N PHE A 18 26.39 -25.95 0.34
CA PHE A 18 25.30 -26.86 0.64
C PHE A 18 24.65 -27.20 -0.68
N ALA A 19 23.55 -27.93 -0.62
CA ALA A 19 22.94 -28.42 -1.85
C ALA A 19 21.56 -27.81 -1.98
N SER A 20 21.04 -27.85 -3.20
CA SER A 20 19.69 -27.39 -3.44
C SER A 20 18.75 -28.40 -2.82
N VAL A 21 17.53 -27.96 -2.51
CA VAL A 21 16.62 -28.85 -1.80
C VAL A 21 16.13 -29.95 -2.73
N TYR A 22 16.17 -29.73 -4.05
CA TYR A 22 15.70 -30.78 -4.94
C TYR A 22 16.73 -31.90 -5.00
N ALA A 23 18.00 -31.57 -5.08
CA ALA A 23 19.08 -32.55 -5.02
C ALA A 23 19.75 -32.49 -3.66
N TRP A 24 18.98 -32.82 -2.62
CA TRP A 24 19.45 -32.69 -1.26
C TRP A 24 20.52 -33.71 -0.94
N ASN A 25 21.54 -33.31 -0.20
CA ASN A 25 22.67 -34.20 0.01
C ASN A 25 22.41 -35.11 1.19
N ARG A 26 22.72 -36.39 1.02
CA ARG A 26 22.56 -37.38 2.08
C ARG A 26 23.92 -37.99 2.38
N LYS A 27 24.31 -37.97 3.66
CA LYS A 27 25.53 -38.61 4.11
C LYS A 27 25.19 -39.69 5.11
N ARG A 28 25.65 -40.91 4.87
CA ARG A 28 25.45 -41.98 5.83
C ARG A 28 26.56 -41.92 6.86
N ILE A 29 26.20 -42.15 8.12
CA ILE A 29 27.11 -42.08 9.24
C ILE A 29 27.06 -43.41 9.96
N SER A 30 28.22 -44.08 10.02
CA SER A 30 28.34 -45.39 10.63
C SER A 30 29.75 -45.56 11.15
N ASN A 31 29.91 -46.55 12.04
CA ASN A 31 31.18 -46.98 12.68
C ASN A 31 32.00 -45.82 13.26
N CYS A 32 31.33 -44.93 13.99
CA CYS A 32 32.04 -43.86 14.68
C CYS A 32 31.29 -43.49 15.95
N VAL A 33 31.92 -42.65 16.75
CA VAL A 33 31.33 -42.17 18.00
C VAL A 33 30.53 -40.92 17.71
N ALA A 34 29.30 -40.85 18.19
CA ALA A 34 28.41 -39.72 17.90
C ALA A 34 28.51 -38.67 19.01
N ASP A 35 29.34 -37.65 18.79
CA ASP A 35 29.43 -36.50 19.70
C ASP A 35 28.48 -35.40 19.27
N TYR A 36 27.18 -35.55 19.59
CA TYR A 36 26.18 -34.52 19.28
C TYR A 36 26.42 -33.16 19.93
N SER A 37 27.38 -33.03 20.86
CA SER A 37 27.60 -31.76 21.54
C SER A 37 28.17 -30.72 20.59
N VAL A 38 28.90 -31.17 19.57
CA VAL A 38 29.43 -30.25 18.57
C VAL A 38 28.27 -29.69 17.74
N ILE A 39 27.30 -30.54 17.38
CA ILE A 39 26.07 -30.10 16.72
C ILE A 39 25.40 -29.02 17.55
N TYR A 40 25.28 -29.27 18.86
CA TYR A 40 24.66 -28.31 19.78
C TYR A 40 25.36 -26.95 19.72
N ASN A 41 26.69 -26.95 19.78
CA ASN A 41 27.41 -25.69 19.85
C ASN A 41 27.92 -25.19 18.49
N PHE A 42 27.11 -25.27 17.42
CA PHE A 42 27.64 -25.02 16.09
C PHE A 42 27.11 -23.75 15.46
N ALA A 43 26.03 -23.14 16.02
CA ALA A 43 25.37 -21.89 15.64
C ALA A 43 24.11 -21.69 16.48
N PRO A 44 23.50 -20.50 16.51
CA PRO A 44 22.18 -20.39 17.13
C PRO A 44 21.15 -20.93 16.14
N PHE A 45 20.29 -21.83 16.60
CA PHE A 45 19.40 -22.54 15.71
C PHE A 45 17.98 -22.00 15.76
N PHE A 46 17.42 -21.75 14.57
CA PHE A 46 16.04 -21.31 14.43
C PHE A 46 15.04 -22.40 14.79
N ALA A 47 15.45 -23.67 14.71
CA ALA A 47 14.59 -24.79 15.09
C ALA A 47 15.47 -26.00 15.33
N PHE A 48 15.27 -26.67 16.47
CA PHE A 48 15.95 -27.93 16.78
C PHE A 48 14.89 -28.98 17.13
N LYS A 49 13.73 -28.92 16.46
CA LYS A 49 12.64 -29.84 16.75
C LYS A 49 13.09 -31.29 16.59
N CYS A 50 12.91 -32.10 17.64
CA CYS A 50 13.24 -33.51 17.58
C CYS A 50 11.96 -34.33 17.68
N TYR A 51 11.73 -35.17 16.67
CA TYR A 51 10.50 -35.94 16.56
C TYR A 51 10.77 -37.40 16.91
N GLY A 52 10.40 -37.82 18.11
CA GLY A 52 10.48 -39.21 18.50
C GLY A 52 11.50 -39.50 19.58
N VAL A 53 12.56 -38.70 19.67
CA VAL A 53 13.53 -38.84 20.74
C VAL A 53 13.75 -37.48 21.38
N SER A 54 14.15 -37.53 22.62
CA SER A 54 14.43 -36.31 23.36
C SER A 54 15.85 -35.83 23.05
N PRO A 55 16.06 -34.51 22.97
CA PRO A 55 17.38 -33.98 22.58
C PRO A 55 18.54 -34.40 23.47
N THR A 56 18.31 -34.80 24.73
CA THR A 56 19.40 -35.10 25.64
C THR A 56 19.84 -36.55 25.56
N LYS A 57 18.89 -37.49 25.65
CA LYS A 57 19.14 -38.94 25.67
C LYS A 57 20.00 -39.46 24.52
N LEU A 58 20.13 -38.71 23.42
CA LEU A 58 20.85 -39.07 22.20
C LEU A 58 22.21 -39.73 22.46
N ASN A 59 23.09 -39.04 23.18
CA ASN A 59 24.45 -39.52 23.43
C ASN A 59 24.46 -40.88 24.11
N ASP A 60 23.49 -41.16 25.00
CA ASP A 60 23.49 -42.43 25.70
C ASP A 60 22.74 -43.51 24.94
N LEU A 61 22.23 -43.19 23.75
CA LEU A 61 21.56 -44.14 22.88
C LEU A 61 22.55 -44.58 21.81
N CYS A 62 22.37 -45.78 21.28
CA CYS A 62 23.22 -46.25 20.21
C CYS A 62 22.40 -46.74 19.04
N PHE A 63 22.54 -46.10 17.88
CA PHE A 63 21.78 -46.40 16.68
C PHE A 63 22.63 -47.14 15.66
N THR A 64 21.97 -47.77 14.69
CA THR A 64 22.70 -48.52 13.68
C THR A 64 23.21 -47.63 12.55
N ASN A 65 22.34 -46.81 11.96
CA ASN A 65 22.78 -45.85 10.95
C ASN A 65 22.24 -44.47 11.26
N VAL A 66 23.03 -43.43 10.97
CA VAL A 66 22.55 -42.06 11.10
C VAL A 66 22.66 -41.40 9.74
N TYR A 67 21.54 -40.93 9.21
CA TYR A 67 21.52 -40.22 7.93
C TYR A 67 21.46 -38.72 8.17
N ALA A 68 22.39 -37.98 7.59
CA ALA A 68 22.39 -36.53 7.67
C ALA A 68 22.01 -35.98 6.30
N ASP A 69 20.85 -35.34 6.21
CA ASP A 69 20.37 -34.74 4.97
C ASP A 69 20.54 -33.24 5.04
N SER A 70 21.29 -32.66 4.10
CA SER A 70 21.60 -31.25 4.11
C SER A 70 21.04 -30.57 2.87
N PHE A 71 20.42 -29.40 3.05
CA PHE A 71 19.90 -28.60 1.93
C PHE A 71 19.69 -27.17 2.41
N VAL A 72 19.34 -26.30 1.46
CA VAL A 72 19.05 -24.89 1.73
C VAL A 72 17.63 -24.58 1.26
N ILE A 73 16.82 -23.99 2.13
CA ILE A 73 15.48 -23.55 1.80
C ILE A 73 15.30 -22.12 2.29
N ARG A 74 14.10 -21.59 2.11
CA ARG A 74 13.77 -20.24 2.52
C ARG A 74 13.13 -20.37 3.90
N GLY A 75 13.22 -19.30 4.70
CA GLY A 75 12.80 -19.38 6.10
C GLY A 75 11.36 -19.83 6.29
N ASN A 76 10.45 -19.35 5.42
CA ASN A 76 9.02 -19.66 5.53
C ASN A 76 8.74 -21.15 5.38
N GLU A 77 9.66 -21.89 4.78
CA GLU A 77 9.47 -23.28 4.49
C GLU A 77 10.10 -24.17 5.53
N VAL A 78 10.69 -23.61 6.60
CA VAL A 78 11.36 -24.45 7.59
C VAL A 78 10.31 -25.25 8.36
N SER A 79 9.09 -24.73 8.43
CA SER A 79 8.01 -25.41 9.11
C SER A 79 7.57 -26.63 8.32
N GLN A 80 7.89 -26.67 7.03
CA GLN A 80 7.49 -27.78 6.17
C GLN A 80 8.38 -29.00 6.35
N ILE A 81 9.56 -28.85 6.94
CA ILE A 81 10.44 -30.01 7.19
C ILE A 81 10.00 -30.55 8.54
N ALA A 82 8.91 -31.29 8.52
CA ALA A 82 8.32 -31.92 9.69
C ALA A 82 7.37 -33.01 9.22
N PRO A 83 7.07 -34.00 10.05
CA PRO A 83 6.09 -35.01 9.64
C PRO A 83 4.70 -34.40 9.51
N GLY A 84 4.00 -34.80 8.46
CA GLY A 84 2.61 -34.40 8.30
C GLY A 84 2.39 -33.05 7.66
N GLN A 85 3.39 -32.46 7.03
CA GLN A 85 3.28 -31.11 6.48
C GLN A 85 3.14 -31.15 4.97
N THR A 86 2.61 -30.05 4.44
CA THR A 86 2.41 -29.88 3.01
C THR A 86 2.98 -28.54 2.57
N GLY A 87 3.21 -28.42 1.27
CA GLY A 87 3.82 -27.25 0.70
C GLY A 87 4.54 -27.66 -0.56
N ASN A 88 5.34 -26.75 -1.10
CA ASN A 88 6.14 -27.12 -2.26
C ASN A 88 7.30 -28.02 -1.84
N ILE A 89 7.93 -27.68 -0.71
CA ILE A 89 9.12 -28.41 -0.27
C ILE A 89 8.74 -29.79 0.24
N ALA A 90 7.63 -29.89 0.96
CA ALA A 90 7.28 -31.17 1.55
C ALA A 90 6.75 -32.11 0.49
N ASP A 91 6.00 -31.58 -0.47
CA ASP A 91 5.37 -32.45 -1.45
C ASP A 91 6.31 -32.80 -2.60
N TYR A 92 7.15 -31.86 -3.03
CA TYR A 92 7.93 -32.08 -4.23
C TYR A 92 9.44 -32.08 -4.03
N ASN A 93 9.95 -31.74 -2.85
CA ASN A 93 11.39 -31.61 -2.67
C ASN A 93 11.94 -32.52 -1.57
N TYR A 94 11.35 -32.51 -0.38
CA TYR A 94 11.87 -33.31 0.73
C TYR A 94 10.70 -33.68 1.62
N LYS A 95 10.45 -34.98 1.77
CA LYS A 95 9.34 -35.48 2.57
C LYS A 95 9.84 -36.33 3.73
N LEU A 96 9.31 -36.07 4.92
CA LEU A 96 9.61 -36.89 6.08
C LEU A 96 8.44 -37.82 6.36
N PRO A 97 8.67 -39.06 6.80
CA PRO A 97 7.55 -39.97 7.05
C PRO A 97 6.79 -39.58 8.31
N ASP A 98 5.61 -40.16 8.47
CA ASP A 98 4.79 -39.80 9.62
C ASP A 98 5.31 -40.41 10.92
N ASP A 99 6.20 -41.40 10.84
CA ASP A 99 6.78 -42.01 12.02
C ASP A 99 8.27 -41.69 12.07
N PHE A 100 8.60 -40.44 11.81
CA PHE A 100 10.00 -40.04 11.68
C PHE A 100 10.65 -39.99 13.05
N THR A 101 11.78 -40.68 13.20
CA THR A 101 12.57 -40.66 14.42
C THR A 101 13.86 -39.92 14.14
N GLY A 102 13.97 -38.71 14.64
CA GLY A 102 15.14 -37.90 14.38
C GLY A 102 14.87 -36.45 14.73
N CYS A 103 15.78 -35.60 14.27
CA CYS A 103 15.72 -34.17 14.58
C CYS A 103 15.89 -33.36 13.31
N VAL A 104 15.28 -32.18 13.28
CA VAL A 104 15.48 -31.24 12.18
C VAL A 104 16.15 -30.01 12.76
N ILE A 105 17.21 -29.55 12.09
CA ILE A 105 18.01 -28.42 12.55
C ILE A 105 18.09 -27.41 11.43
N ALA A 106 17.79 -26.16 11.71
CA ALA A 106 17.87 -25.13 10.68
C ALA A 106 18.51 -23.89 11.26
N TRP A 107 19.29 -23.18 10.43
CA TRP A 107 19.87 -21.93 10.88
C TRP A 107 19.98 -20.97 9.71
N ASN A 108 20.00 -19.69 10.03
CA ASN A 108 20.10 -18.65 9.01
C ASN A 108 21.47 -18.67 8.35
N SER A 109 21.50 -18.41 7.05
CA SER A 109 22.74 -18.39 6.29
C SER A 109 22.77 -17.23 5.31
N ASN A 110 22.46 -16.02 5.79
CA ASN A 110 22.55 -14.84 4.93
C ASN A 110 23.99 -14.55 4.53
N LYS A 111 24.93 -14.70 5.46
CA LYS A 111 26.30 -14.31 5.17
C LYS A 111 26.98 -15.27 4.20
N LEU A 112 26.39 -16.43 3.95
CA LEU A 112 27.00 -17.45 3.12
C LEU A 112 26.24 -17.74 1.84
N ASP A 113 24.93 -17.50 1.81
CA ASP A 113 24.13 -17.90 0.67
C ASP A 113 23.40 -16.75 -0.01
N SER A 114 23.59 -15.52 0.45
CA SER A 114 22.93 -14.36 -0.14
C SER A 114 23.93 -13.53 -0.91
N LYS A 115 23.55 -13.10 -2.08
CA LYS A 115 24.34 -12.17 -2.89
C LYS A 115 23.45 -11.01 -3.26
N PRO A 116 24.02 -9.82 -3.54
CA PRO A 116 23.14 -8.66 -3.77
C PRO A 116 22.53 -8.66 -5.18
N SER A 117 23.24 -9.19 -6.17
CA SER A 117 22.74 -9.36 -7.52
C SER A 117 21.72 -10.50 -7.55
N GLY A 118 21.76 -11.37 -6.54
CA GLY A 118 20.90 -12.53 -6.44
C GLY A 118 21.67 -13.83 -6.60
N ASN A 119 21.51 -14.71 -5.62
CA ASN A 119 22.13 -16.03 -5.63
C ASN A 119 21.19 -16.95 -6.40
N TYR A 120 21.57 -17.30 -7.62
CA TYR A 120 20.69 -18.09 -8.46
C TYR A 120 21.17 -19.54 -8.58
N ASN A 121 21.94 -20.02 -7.60
CA ASN A 121 22.46 -21.37 -7.61
C ASN A 121 21.74 -22.29 -6.64
N TYR A 122 20.72 -21.79 -5.95
CA TYR A 122 19.88 -22.60 -5.08
C TYR A 122 18.52 -22.73 -5.76
N LEU A 123 18.13 -23.97 -6.02
CA LEU A 123 16.96 -24.26 -6.80
C LEU A 123 15.99 -25.10 -5.97
N TYR A 124 14.73 -25.12 -6.38
CA TYR A 124 13.74 -25.95 -5.72
C TYR A 124 12.78 -26.40 -6.78
N ARG A 125 12.12 -27.52 -6.55
CA ARG A 125 11.22 -28.07 -7.55
C ARG A 125 9.84 -27.52 -7.27
N LEU A 126 9.26 -26.85 -8.26
CA LEU A 126 7.97 -26.21 -8.07
C LEU A 126 6.85 -27.02 -8.68
N PHE A 127 7.16 -27.78 -9.72
CA PHE A 127 6.16 -28.51 -10.47
C PHE A 127 6.54 -29.98 -10.48
N ARG A 128 5.64 -30.85 -10.02
CA ARG A 128 5.92 -32.28 -10.10
C ARG A 128 4.58 -32.98 -10.28
N LYS A 129 4.60 -34.08 -11.04
CA LYS A 129 3.38 -34.82 -11.36
C LYS A 129 2.73 -35.40 -10.12
N SER A 130 3.52 -35.96 -9.20
CA SER A 130 2.97 -36.55 -8.00
C SER A 130 3.82 -36.12 -6.81
N LYS A 131 3.25 -36.25 -5.62
CA LYS A 131 3.95 -35.89 -4.41
C LYS A 131 5.07 -36.88 -4.13
N LEU A 132 6.07 -36.43 -3.39
CA LEU A 132 7.22 -37.27 -3.12
C LEU A 132 6.93 -38.25 -1.99
N LYS A 133 7.54 -39.42 -2.09
CA LYS A 133 7.50 -40.38 -1.00
C LYS A 133 8.57 -39.99 0.00
N PRO A 134 8.48 -40.44 1.26
CA PRO A 134 9.50 -40.09 2.25
C PRO A 134 10.91 -40.52 1.85
N PHE A 135 11.88 -39.63 2.09
CA PHE A 135 13.30 -39.86 1.79
C PHE A 135 13.54 -40.18 0.31
N GLU A 136 12.82 -39.50 -0.56
CA GLU A 136 12.99 -39.64 -2.00
C GLU A 136 13.56 -38.33 -2.55
N ARG A 137 14.31 -38.45 -3.65
CA ARG A 137 14.86 -37.29 -4.33
C ARG A 137 14.55 -37.42 -5.82
N ASP A 138 14.18 -36.33 -6.45
CA ASP A 138 14.03 -36.33 -7.90
C ASP A 138 15.02 -35.31 -8.42
N ILE A 139 15.93 -35.74 -9.30
CA ILE A 139 16.85 -34.80 -9.93
C ILE A 139 16.46 -34.48 -11.36
N SER A 140 15.33 -34.99 -11.82
CA SER A 140 14.90 -34.84 -13.21
C SER A 140 14.63 -33.38 -13.55
N THR A 141 15.01 -32.98 -14.76
CA THR A 141 14.74 -31.64 -15.24
C THR A 141 13.69 -31.62 -16.32
N GLU A 142 13.01 -32.75 -16.52
CA GLU A 142 11.95 -32.94 -17.52
C GLU A 142 10.95 -31.78 -17.50
N ILE A 143 10.62 -31.26 -18.68
CA ILE A 143 9.70 -30.14 -18.80
C ILE A 143 8.33 -30.55 -18.29
N TYR A 144 7.83 -29.85 -17.26
CA TYR A 144 6.55 -30.15 -16.65
C TYR A 144 5.43 -29.86 -17.63
N GLN A 145 4.70 -30.88 -18.02
CA GLN A 145 3.66 -30.71 -19.02
C GLN A 145 2.39 -30.45 -18.22
N ALA A 146 2.01 -29.17 -18.15
CA ALA A 146 0.87 -28.76 -17.37
C ALA A 146 -0.42 -28.73 -18.16
N GLY A 147 -0.33 -28.81 -19.48
CA GLY A 147 -1.51 -28.73 -20.30
C GLY A 147 -1.89 -30.06 -20.89
N ASN A 148 -2.41 -30.06 -22.12
CA ASN A 148 -2.78 -31.28 -22.80
C ASN A 148 -1.84 -31.62 -23.95
N LYS A 149 -1.27 -30.63 -24.57
CA LYS A 149 -0.38 -30.81 -25.69
C LYS A 149 0.98 -31.29 -25.17
N PRO A 150 1.68 -32.15 -25.89
CA PRO A 150 3.03 -32.54 -25.45
C PRO A 150 4.01 -31.37 -25.58
N CYS A 151 4.94 -31.28 -24.64
CA CYS A 151 5.86 -30.16 -24.64
C CYS A 151 6.93 -30.26 -25.70
N ASN A 152 7.48 -31.47 -25.91
CA ASN A 152 8.47 -31.85 -26.92
C ASN A 152 9.87 -31.43 -26.51
N GLY A 153 10.07 -31.12 -25.23
CA GLY A 153 11.37 -30.80 -24.67
C GLY A 153 11.65 -29.31 -24.58
N VAL A 154 11.16 -28.52 -25.51
CA VAL A 154 11.44 -27.08 -25.55
C VAL A 154 10.44 -26.38 -24.65
N ALA A 155 10.92 -25.43 -23.83
CA ALA A 155 10.02 -24.64 -23.00
C ALA A 155 9.13 -23.74 -23.85
N GLY A 156 7.87 -23.62 -23.44
CA GLY A 156 6.88 -22.86 -24.19
C GLY A 156 5.58 -22.82 -23.42
N PRO A 157 4.53 -22.20 -24.01
CA PRO A 157 3.24 -22.04 -23.32
C PRO A 157 2.72 -23.35 -22.73
N ASN A 158 2.40 -23.32 -21.44
CA ASN A 158 1.87 -24.44 -20.66
C ASN A 158 2.92 -25.52 -20.42
N CYS A 159 4.19 -25.20 -20.68
CA CYS A 159 5.31 -26.10 -20.50
C CYS A 159 6.37 -25.36 -19.69
N TYR A 160 6.55 -25.76 -18.44
CA TYR A 160 7.41 -25.02 -17.53
C TYR A 160 8.53 -25.90 -17.03
N SER A 161 9.73 -25.32 -16.99
CA SER A 161 10.88 -26.03 -16.44
C SER A 161 10.69 -26.16 -14.94
N PRO A 162 10.83 -27.37 -14.38
CA PRO A 162 10.37 -27.59 -13.01
C PRO A 162 11.24 -26.99 -11.93
N LEU A 163 12.50 -26.72 -12.19
CA LEU A 163 13.42 -26.23 -11.17
C LEU A 163 13.44 -24.71 -11.21
N GLN A 164 12.97 -24.08 -10.14
CA GLN A 164 12.93 -22.63 -10.09
C GLN A 164 14.00 -22.17 -9.11
N SER A 165 14.52 -20.98 -9.34
CA SER A 165 15.65 -20.52 -8.56
C SER A 165 15.25 -19.72 -7.34
N TYR A 166 15.99 -19.90 -6.26
CA TYR A 166 15.75 -19.20 -5.00
C TYR A 166 16.59 -17.95 -5.05
N GLY A 167 16.07 -16.86 -5.60
CA GLY A 167 16.95 -15.71 -5.79
C GLY A 167 17.25 -14.97 -4.50
N PHE A 168 18.17 -15.51 -3.72
CA PHE A 168 18.46 -14.98 -2.39
C PHE A 168 19.22 -13.66 -2.45
N ARG A 169 18.78 -12.70 -1.66
CA ARG A 169 19.41 -11.39 -1.54
C ARG A 169 19.50 -11.01 -0.08
N PRO A 170 20.52 -10.26 0.33
CA PRO A 170 20.73 -9.97 1.76
C PRO A 170 19.68 -9.08 2.38
N THR A 171 18.90 -8.36 1.59
CA THR A 171 17.92 -7.42 2.10
C THR A 171 16.53 -8.01 2.19
N TYR A 172 16.41 -9.32 2.07
CA TYR A 172 15.10 -9.96 2.11
C TYR A 172 14.57 -10.01 3.53
N GLY A 173 13.27 -10.28 3.65
CA GLY A 173 12.66 -10.40 4.95
C GLY A 173 13.00 -11.73 5.54
N VAL A 174 12.85 -11.84 6.88
CA VAL A 174 13.27 -13.03 7.65
C VAL A 174 12.66 -14.32 7.11
N GLY A 175 11.48 -14.24 6.52
CA GLY A 175 10.80 -15.42 6.04
C GLY A 175 11.33 -15.91 4.71
N HIS A 176 12.15 -15.08 4.05
CA HIS A 176 12.66 -15.38 2.73
C HIS A 176 14.18 -15.51 2.68
N GLN A 177 14.86 -15.35 3.81
CA GLN A 177 16.30 -15.47 3.84
C GLN A 177 16.71 -16.94 3.74
N PRO A 178 17.89 -17.24 3.19
CA PRO A 178 18.30 -18.64 3.06
C PRO A 178 18.58 -19.26 4.42
N TYR A 179 18.05 -20.46 4.62
CA TYR A 179 18.24 -21.22 5.84
C TYR A 179 18.85 -22.55 5.46
N ARG A 180 19.93 -22.93 6.14
CA ARG A 180 20.55 -24.24 5.92
C ARG A 180 19.90 -25.21 6.89
N VAL A 181 19.46 -26.35 6.36
CA VAL A 181 18.74 -27.36 7.13
C VAL A 181 19.52 -28.67 7.07
N VAL A 182 19.73 -29.28 8.23
CA VAL A 182 20.28 -30.61 8.36
C VAL A 182 19.27 -31.45 9.11
N VAL A 183 18.88 -32.58 8.53
CA VAL A 183 17.92 -33.49 9.12
C VAL A 183 18.68 -34.74 9.53
N LEU A 184 18.64 -35.06 10.82
CA LEU A 184 19.28 -36.25 11.34
C LEU A 184 18.21 -37.32 11.50
N SER A 185 18.38 -38.42 10.78
CA SER A 185 17.48 -39.55 10.85
C SER A 185 18.22 -40.74 11.44
N PHE A 186 17.68 -41.31 12.50
CA PHE A 186 18.33 -42.42 13.18
C PHE A 186 17.57 -43.68 12.82
N GLU A 187 18.29 -44.72 12.40
CA GLU A 187 17.60 -45.97 12.12
C GLU A 187 18.29 -47.14 12.83
N LEU A 188 17.46 -48.07 13.30
CA LEU A 188 17.90 -49.31 13.91
C LEU A 188 17.48 -50.46 13.00
N LEU A 189 18.40 -51.39 12.77
CA LEU A 189 18.06 -52.58 11.99
C LEU A 189 18.42 -53.82 12.80
N HIS A 190 18.39 -54.98 12.15
CA HIS A 190 18.80 -56.20 12.83
C HIS A 190 20.31 -56.27 13.01
N ALA A 191 21.05 -55.42 12.31
CA ALA A 191 22.51 -55.40 12.35
C ALA A 191 22.96 -54.84 13.71
N PRO A 192 24.18 -55.16 14.15
CA PRO A 192 24.69 -54.55 15.39
C PRO A 192 24.80 -53.04 15.27
N ALA A 193 24.23 -52.34 16.24
CA ALA A 193 24.25 -50.88 16.29
C ALA A 193 25.68 -50.41 16.52
N THR A 194 26.22 -49.65 15.57
CA THR A 194 27.61 -49.21 15.61
C THR A 194 27.79 -47.70 15.71
N VAL A 195 26.74 -46.95 16.01
CA VAL A 195 26.83 -45.51 16.21
C VAL A 195 26.32 -45.23 17.62
N CYS A 196 27.22 -45.18 18.58
CA CYS A 196 26.87 -44.86 19.95
C CYS A 196 27.75 -43.71 20.43
N GLY A 197 27.48 -43.22 21.64
CA GLY A 197 28.20 -42.07 22.12
C GLY A 197 29.51 -42.39 22.82
N PRO A 198 30.04 -41.41 23.55
CA PRO A 198 31.29 -41.63 24.30
C PRO A 198 31.09 -42.33 25.63
N LYS A 199 32.18 -42.95 26.10
CA LYS A 199 32.23 -43.63 27.38
C LYS A 199 33.30 -42.96 28.24
N LYS A 200 33.15 -43.01 29.57
CA LYS A 200 34.07 -42.35 30.49
C LYS A 200 34.55 -43.34 31.55
N SER A 201 35.57 -42.90 32.31
CA SER A 201 36.10 -43.68 33.44
C SER A 201 36.45 -42.80 34.64
N SER B 2 -4.71 -30.47 -16.02
CA SER B 2 -5.39 -31.09 -17.16
C SER B 2 -6.57 -30.23 -17.60
N THR B 3 -7.33 -29.71 -16.63
CA THR B 3 -8.42 -28.79 -16.94
C THR B 3 -7.86 -27.37 -17.05
N ILE B 4 -8.72 -26.41 -17.39
CA ILE B 4 -8.28 -25.03 -17.53
C ILE B 4 -7.93 -24.43 -16.17
N GLU B 5 -8.66 -24.81 -15.13
CA GLU B 5 -8.44 -24.21 -13.81
C GLU B 5 -7.09 -24.64 -13.23
N GLU B 6 -6.70 -25.91 -13.44
CA GLU B 6 -5.40 -26.35 -12.95
C GLU B 6 -4.25 -25.76 -13.75
N GLN B 7 -4.45 -25.58 -15.07
CA GLN B 7 -3.44 -24.90 -15.88
C GLN B 7 -3.28 -23.46 -15.41
N ALA B 8 -4.39 -22.83 -15.03
CA ALA B 8 -4.35 -21.46 -14.54
C ALA B 8 -3.62 -21.40 -13.20
N LYS B 9 -3.84 -22.39 -12.34
CA LYS B 9 -3.17 -22.43 -11.04
C LYS B 9 -1.67 -22.58 -11.22
N THR B 10 -1.24 -23.44 -12.16
CA THR B 10 0.20 -23.68 -12.33
C THR B 10 0.84 -22.47 -12.99
N PHE B 11 0.14 -21.85 -13.93
CA PHE B 11 0.62 -20.65 -14.59
C PHE B 11 0.74 -19.50 -13.60
N LEU B 12 -0.22 -19.40 -12.68
CA LEU B 12 -0.18 -18.37 -11.65
C LEU B 12 0.94 -18.64 -10.66
N ASP B 13 1.28 -19.91 -10.43
CA ASP B 13 2.41 -20.22 -9.54
C ASP B 13 3.72 -19.78 -10.17
N LYS B 14 3.91 -20.09 -11.46
CA LYS B 14 5.09 -19.62 -12.19
C LYS B 14 5.14 -18.11 -12.24
N PHE B 15 3.99 -17.46 -12.50
CA PHE B 15 3.94 -16.02 -12.61
C PHE B 15 4.25 -15.39 -11.26
N ASN B 16 3.76 -15.99 -10.17
CA ASN B 16 3.97 -15.41 -8.85
C ASN B 16 5.43 -15.46 -8.48
N HIS B 17 6.10 -16.56 -8.83
CA HIS B 17 7.52 -16.71 -8.50
C HIS B 17 8.36 -15.69 -9.28
N GLU B 18 8.16 -15.62 -10.60
CA GLU B 18 9.01 -14.71 -11.37
C GLU B 18 8.58 -13.26 -11.17
N ALA B 19 7.31 -13.03 -10.85
CA ALA B 19 6.82 -11.69 -10.57
C ALA B 19 7.46 -11.16 -9.29
N GLU B 20 7.58 -12.01 -8.27
CA GLU B 20 8.14 -11.52 -7.02
C GLU B 20 9.61 -11.22 -7.18
N ASP B 21 10.31 -12.02 -8.00
CA ASP B 21 11.75 -11.76 -8.18
C ASP B 21 11.98 -10.47 -8.99
N LEU B 22 11.27 -10.32 -10.12
CA LEU B 22 11.50 -9.15 -10.97
C LEU B 22 10.95 -7.90 -10.31
N PHE B 23 9.82 -8.02 -9.61
CA PHE B 23 9.26 -6.88 -8.89
C PHE B 23 10.21 -6.44 -7.80
N TYR B 24 10.90 -7.39 -7.14
CA TYR B 24 11.81 -7.01 -6.08
C TYR B 24 12.98 -6.24 -6.66
N GLN B 25 13.50 -6.68 -7.82
CA GLN B 25 14.61 -5.96 -8.44
C GLN B 25 14.16 -4.56 -8.86
N SER B 26 12.94 -4.46 -9.39
CA SER B 26 12.41 -3.17 -9.84
C SER B 26 12.20 -2.23 -8.66
N SER B 27 11.68 -2.76 -7.56
CA SER B 27 11.41 -1.94 -6.39
C SER B 27 12.69 -1.52 -5.70
N LEU B 28 13.71 -2.39 -5.72
CA LEU B 28 15.01 -2.02 -5.14
C LEU B 28 15.68 -0.94 -5.99
N ALA B 29 15.51 -1.00 -7.31
CA ALA B 29 16.09 0.04 -8.15
C ALA B 29 15.35 1.37 -7.98
N SER B 30 14.02 1.30 -7.81
CA SER B 30 13.25 2.51 -7.53
C SER B 30 13.63 3.10 -6.18
N TRP B 31 13.86 2.24 -5.18
CA TRP B 31 14.31 2.72 -3.88
C TRP B 31 15.69 3.36 -3.99
N ASN B 32 16.58 2.76 -4.77
CA ASN B 32 17.93 3.29 -4.90
C ASN B 32 17.94 4.61 -5.66
N TYR B 33 16.97 4.81 -6.55
CA TYR B 33 16.90 6.12 -7.19
C TYR B 33 16.31 7.14 -6.23
N ASN B 34 15.30 6.73 -5.46
CA ASN B 34 14.60 7.69 -4.60
C ASN B 34 15.44 8.10 -3.41
N THR B 35 16.32 7.21 -2.92
CA THR B 35 17.21 7.58 -1.83
C THR B 35 18.57 8.07 -2.31
N ASN B 36 18.86 8.00 -3.61
CA ASN B 36 20.17 8.41 -4.14
C ASN B 36 19.98 8.86 -5.59
N ILE B 37 19.76 10.15 -5.79
CA ILE B 37 19.45 10.62 -7.14
C ILE B 37 20.76 10.80 -7.91
N THR B 38 21.18 9.74 -8.59
CA THR B 38 22.38 9.76 -9.41
C THR B 38 22.02 9.10 -10.74
N GLU B 39 22.71 9.49 -11.83
CA GLU B 39 22.33 9.06 -13.17
C GLU B 39 22.45 7.55 -13.38
N GLU B 40 23.42 6.89 -12.73
CA GLU B 40 23.47 5.44 -12.85
C GLU B 40 22.29 4.78 -12.16
N ASN B 41 21.82 5.37 -11.05
CA ASN B 41 20.62 4.86 -10.41
C ASN B 41 19.40 5.12 -11.28
N VAL B 42 19.40 6.22 -12.03
CA VAL B 42 18.31 6.51 -12.96
C VAL B 42 18.24 5.44 -14.04
N GLN B 43 19.41 5.11 -14.63
CA GLN B 43 19.38 4.14 -15.72
C GLN B 43 19.13 2.74 -15.20
N ASN B 44 19.57 2.43 -13.97
CA ASN B 44 19.26 1.14 -13.36
C ASN B 44 17.77 1.02 -13.10
N MET B 45 17.14 2.10 -12.62
CA MET B 45 15.70 2.09 -12.35
C MET B 45 14.95 1.94 -13.66
N ASN B 46 15.44 2.58 -14.73
CA ASN B 46 14.79 2.51 -16.02
C ASN B 46 14.87 1.10 -16.58
N ASN B 47 16.04 0.46 -16.46
CA ASN B 47 16.23 -0.88 -17.00
C ASN B 47 15.39 -1.89 -16.22
N ALA B 48 15.32 -1.73 -14.90
CA ALA B 48 14.52 -2.66 -14.10
C ALA B 48 13.03 -2.45 -14.35
N GLY B 49 12.59 -1.19 -14.47
CA GLY B 49 11.20 -0.91 -14.79
C GLY B 49 10.84 -1.42 -16.17
N ASP B 50 11.79 -1.34 -17.10
CA ASP B 50 11.56 -1.80 -18.47
C ASP B 50 11.40 -3.31 -18.47
N LYS B 51 12.25 -4.00 -17.71
CA LYS B 51 12.19 -5.46 -17.68
C LYS B 51 10.93 -5.92 -16.97
N TRP B 52 10.44 -5.11 -16.01
CA TRP B 52 9.21 -5.45 -15.33
C TRP B 52 8.01 -5.27 -16.25
N SER B 53 7.99 -4.16 -17.01
CA SER B 53 6.85 -3.91 -17.89
C SER B 53 6.85 -4.89 -19.05
N ALA B 54 8.04 -5.31 -19.48
CA ALA B 54 8.18 -6.34 -20.51
C ALA B 54 7.64 -7.66 -20.00
N PHE B 55 8.05 -8.03 -18.79
CA PHE B 55 7.58 -9.26 -18.16
C PHE B 55 6.06 -9.23 -18.06
N LEU B 56 5.50 -8.16 -17.48
CA LEU B 56 4.05 -8.07 -17.30
C LEU B 56 3.30 -8.01 -18.64
N LYS B 57 4.00 -7.73 -19.73
CA LYS B 57 3.38 -7.70 -21.04
C LYS B 57 3.32 -9.12 -21.58
N GLU B 58 4.49 -9.77 -21.74
CA GLU B 58 4.51 -11.17 -22.19
C GLU B 58 3.61 -12.04 -21.29
N GLN B 59 3.65 -11.85 -19.98
CA GLN B 59 2.84 -12.66 -19.07
C GLN B 59 1.36 -12.35 -19.22
N SER B 60 1.01 -11.11 -19.60
CA SER B 60 -0.41 -10.86 -19.85
C SER B 60 -0.85 -11.52 -21.16
N THR B 61 0.06 -11.56 -22.13
CA THR B 61 -0.21 -12.24 -23.39
C THR B 61 -0.41 -13.74 -23.15
N LEU B 62 0.41 -14.32 -22.29
CA LEU B 62 0.25 -15.73 -21.97
C LEU B 62 -0.93 -15.95 -21.02
N ALA B 63 -1.39 -14.89 -20.35
CA ALA B 63 -2.43 -15.02 -19.36
C ALA B 63 -3.81 -14.96 -19.99
N GLN B 64 -3.89 -14.43 -21.21
CA GLN B 64 -5.20 -14.24 -21.82
C GLN B 64 -5.68 -15.48 -22.55
N MET B 65 -4.89 -16.55 -22.54
CA MET B 65 -5.26 -17.83 -23.11
C MET B 65 -6.11 -18.66 -22.15
N TYR B 66 -6.34 -18.15 -20.95
CA TYR B 66 -7.18 -18.81 -19.96
C TYR B 66 -8.47 -18.01 -19.84
N PRO B 67 -9.57 -18.44 -20.46
CA PRO B 67 -10.84 -17.73 -20.29
C PRO B 67 -11.34 -17.78 -18.85
N LEU B 68 -12.04 -16.73 -18.44
CA LEU B 68 -12.45 -16.62 -17.04
C LEU B 68 -13.77 -17.29 -16.74
N GLN B 69 -14.60 -17.55 -17.76
CA GLN B 69 -15.93 -18.08 -17.49
C GLN B 69 -15.94 -19.52 -16.98
N GLU B 70 -14.82 -20.25 -17.13
CA GLU B 70 -14.78 -21.64 -16.68
C GLU B 70 -13.84 -21.82 -15.49
N ILE B 71 -13.47 -20.74 -14.82
CA ILE B 71 -12.69 -20.81 -13.59
C ILE B 71 -13.61 -20.47 -12.43
N GLN B 72 -13.71 -21.37 -11.46
CA GLN B 72 -14.68 -21.20 -10.39
C GLN B 72 -14.07 -20.69 -9.10
N ASN B 73 -12.76 -20.82 -8.92
CA ASN B 73 -12.12 -20.41 -7.69
C ASN B 73 -11.97 -18.89 -7.74
N LEU B 74 -12.35 -18.21 -6.66
CA LEU B 74 -12.40 -16.75 -6.68
C LEU B 74 -11.01 -16.13 -6.65
N THR B 75 -10.05 -16.75 -5.97
CA THR B 75 -8.71 -16.16 -5.88
C THR B 75 -8.01 -16.25 -7.24
N VAL B 76 -8.11 -17.40 -7.90
CA VAL B 76 -7.51 -17.58 -9.22
C VAL B 76 -8.21 -16.67 -10.23
N LYS B 77 -9.53 -16.51 -10.08
CA LYS B 77 -10.29 -15.66 -10.99
C LYS B 77 -9.87 -14.20 -10.81
N LEU B 78 -9.63 -13.78 -9.57
CA LEU B 78 -9.27 -12.40 -9.30
C LEU B 78 -7.88 -12.11 -9.82
N GLN B 79 -6.95 -13.07 -9.66
CA GLN B 79 -5.59 -12.86 -10.11
C GLN B 79 -5.53 -12.83 -11.64
N LEU B 80 -6.33 -13.66 -12.29
CA LEU B 80 -6.32 -13.67 -13.74
C LEU B 80 -7.04 -12.46 -14.30
N GLN B 81 -8.06 -11.96 -13.59
CA GLN B 81 -8.72 -10.72 -14.03
C GLN B 81 -7.76 -9.55 -13.93
N ALA B 82 -6.92 -9.56 -12.89
CA ALA B 82 -5.95 -8.49 -12.73
C ALA B 82 -4.85 -8.59 -13.78
N LEU B 83 -4.47 -9.81 -14.15
CA LEU B 83 -3.35 -10.00 -15.07
C LEU B 83 -3.75 -9.82 -16.53
N GLN B 84 -5.00 -10.14 -16.90
CA GLN B 84 -5.39 -10.15 -18.30
C GLN B 84 -5.74 -8.78 -18.86
N GLN B 85 -5.57 -7.71 -18.08
CA GLN B 85 -5.95 -6.38 -18.55
C GLN B 85 -4.97 -5.91 -19.61
N ASN B 86 -5.50 -5.49 -20.76
CA ASN B 86 -4.63 -5.12 -21.87
C ASN B 86 -4.12 -3.68 -21.81
N GLY B 87 -4.67 -2.85 -20.92
CA GLY B 87 -4.21 -1.48 -20.73
C GLY B 87 -4.23 -0.70 -22.03
N SER B 88 -3.09 -0.09 -22.36
CA SER B 88 -3.00 0.74 -23.56
C SER B 88 -2.54 -0.06 -24.77
N SER B 89 -2.30 -1.35 -24.61
CA SER B 89 -1.78 -2.20 -25.68
C SER B 89 -2.86 -2.60 -26.67
N VAL B 90 -4.13 -2.38 -26.33
CA VAL B 90 -5.23 -2.82 -27.19
C VAL B 90 -5.35 -1.93 -28.42
N LEU B 91 -4.74 -0.75 -28.41
CA LEU B 91 -4.84 0.17 -29.53
C LEU B 91 -3.85 -0.23 -30.61
N SER B 92 -3.81 0.56 -31.68
CA SER B 92 -2.79 0.38 -32.69
C SER B 92 -1.50 1.01 -32.19
N GLU B 93 -0.39 0.70 -32.86
CA GLU B 93 0.90 1.18 -32.37
C GLU B 93 1.01 2.69 -32.51
N ASP B 94 0.42 3.24 -33.58
CA ASP B 94 0.46 4.68 -33.81
C ASP B 94 -0.32 5.42 -32.74
N LYS B 95 -1.53 4.93 -32.44
CA LYS B 95 -2.38 5.60 -31.45
C LYS B 95 -1.81 5.43 -30.05
N SER B 96 -1.21 4.28 -29.75
CA SER B 96 -0.61 4.06 -28.44
C SER B 96 0.59 4.97 -28.26
N LYS B 97 1.40 5.14 -29.32
CA LYS B 97 2.56 6.01 -29.24
C LYS B 97 2.12 7.45 -29.07
N ARG B 98 1.01 7.82 -29.74
CA ARG B 98 0.50 9.18 -29.63
C ARG B 98 -0.06 9.42 -28.24
N LEU B 99 -0.69 8.40 -27.65
CA LEU B 99 -1.23 8.51 -26.31
C LEU B 99 -0.12 8.69 -25.28
N ASN B 100 0.97 7.91 -25.41
CA ASN B 100 2.08 8.06 -24.48
C ASN B 100 2.76 9.41 -24.66
N THR B 101 2.84 9.89 -25.92
CA THR B 101 3.42 11.19 -26.19
C THR B 101 2.57 12.31 -25.57
N ILE B 102 1.24 12.17 -25.67
CA ILE B 102 0.31 13.14 -25.09
C ILE B 102 0.45 13.13 -23.57
N LEU B 103 0.52 11.95 -22.96
CA LEU B 103 0.62 11.86 -21.50
C LEU B 103 1.93 12.47 -21.01
N ASN B 104 3.01 12.21 -21.75
CA ASN B 104 4.32 12.74 -21.37
C ASN B 104 4.33 14.26 -21.50
N THR B 105 3.71 14.79 -22.55
CA THR B 105 3.77 16.24 -22.73
C THR B 105 2.83 16.95 -21.76
N MET B 106 1.74 16.30 -21.34
CA MET B 106 0.90 16.88 -20.28
C MET B 106 1.68 16.92 -18.97
N SER B 107 2.44 15.85 -18.69
CA SER B 107 3.26 15.81 -17.49
C SER B 107 4.32 16.90 -17.51
N THR B 108 4.95 17.13 -18.67
CA THR B 108 6.01 18.12 -18.74
C THR B 108 5.47 19.53 -18.72
N ILE B 109 4.28 19.76 -19.28
CA ILE B 109 3.66 21.09 -19.21
C ILE B 109 3.25 21.40 -17.78
N TYR B 110 2.66 20.42 -17.08
CA TYR B 110 2.28 20.64 -15.69
C TYR B 110 3.49 20.81 -14.80
N SER B 111 4.54 20.03 -15.01
CA SER B 111 5.68 20.08 -14.10
C SER B 111 6.52 21.32 -14.33
N THR B 112 6.69 21.74 -15.59
CA THR B 112 7.56 22.86 -15.94
C THR B 112 6.76 24.08 -16.36
N GLY B 113 5.51 24.18 -15.90
CA GLY B 113 4.69 25.34 -16.20
C GLY B 113 5.08 26.54 -15.39
N LYS B 114 5.63 27.56 -16.05
CA LYS B 114 6.07 28.76 -15.36
C LYS B 114 5.22 29.94 -15.83
N VAL B 115 4.55 30.58 -14.88
CA VAL B 115 3.65 31.69 -15.15
C VAL B 115 4.07 32.84 -14.24
N CYS B 116 4.29 34.02 -14.82
CA CYS B 116 4.82 35.14 -14.05
C CYS B 116 4.17 36.46 -14.43
N ASN B 117 4.63 37.50 -13.74
CA ASN B 117 4.07 38.84 -13.86
C ASN B 117 4.45 39.47 -15.20
N PRO B 118 3.51 40.10 -15.89
CA PRO B 118 3.87 40.90 -17.07
C PRO B 118 4.79 42.04 -16.70
N ASP B 119 5.66 42.42 -17.65
CA ASP B 119 6.64 43.51 -17.62
C ASP B 119 7.85 43.18 -16.76
N ASN B 120 7.89 42.01 -16.13
CA ASN B 120 9.04 41.54 -15.36
C ASN B 120 9.40 40.11 -15.77
N PRO B 121 9.96 39.93 -16.97
CA PRO B 121 10.22 38.58 -17.48
C PRO B 121 11.63 38.04 -17.25
N GLN B 122 12.48 38.74 -16.49
CA GLN B 122 13.87 38.31 -16.30
C GLN B 122 13.94 36.97 -15.58
N GLU B 123 13.06 36.72 -14.61
CA GLU B 123 12.91 35.40 -14.02
C GLU B 123 11.42 35.22 -13.75
N CYS B 124 10.98 33.97 -13.69
CA CYS B 124 9.57 33.71 -13.51
C CYS B 124 9.36 32.65 -12.43
N LEU B 125 8.11 32.52 -11.99
CA LEU B 125 7.77 31.69 -10.86
C LEU B 125 7.02 30.42 -11.28
N LEU B 126 7.43 29.29 -10.69
CA LEU B 126 6.85 27.98 -10.95
C LEU B 126 5.73 27.70 -9.96
N LEU B 127 4.94 26.65 -10.24
CA LEU B 127 3.75 26.38 -9.43
C LEU B 127 4.11 25.83 -8.06
N GLU B 128 4.94 24.78 -8.02
CA GLU B 128 5.25 24.10 -6.75
C GLU B 128 6.02 24.98 -5.77
N PRO B 129 7.13 25.71 -6.15
CA PRO B 129 7.79 26.57 -5.15
C PRO B 129 6.99 27.79 -4.75
N GLY B 130 6.43 28.51 -5.73
CA GLY B 130 5.84 29.80 -5.46
C GLY B 130 4.33 29.97 -5.47
N LEU B 131 3.62 29.35 -6.42
CA LEU B 131 2.18 29.59 -6.53
C LEU B 131 1.40 29.06 -5.34
N ASN B 132 1.85 27.95 -4.74
CA ASN B 132 1.20 27.43 -3.55
C ASN B 132 1.32 28.41 -2.38
N GLU B 133 2.46 29.12 -2.28
CA GLU B 133 2.67 30.10 -1.22
C GLU B 133 1.69 31.25 -1.35
N ILE B 134 1.66 31.90 -2.52
CA ILE B 134 0.79 33.06 -2.72
C ILE B 134 -0.67 32.64 -2.55
N MET B 135 -1.06 31.53 -3.18
CA MET B 135 -2.47 31.13 -3.12
C MET B 135 -2.86 30.58 -1.75
N ALA B 136 -1.90 30.34 -0.85
CA ALA B 136 -2.19 29.74 0.43
C ALA B 136 -1.89 30.63 1.62
N ASN B 137 -1.24 31.78 1.42
CA ASN B 137 -0.83 32.62 2.54
C ASN B 137 -1.25 34.07 2.35
N SER B 138 -1.27 34.55 1.11
CA SER B 138 -1.56 35.93 0.81
C SER B 138 -3.00 36.31 1.17
N LEU B 139 -3.20 37.57 1.51
CA LEU B 139 -4.51 38.11 1.85
C LEU B 139 -4.93 39.20 0.87
N ASP B 140 -4.25 39.29 -0.26
CA ASP B 140 -4.52 40.33 -1.25
C ASP B 140 -5.43 39.76 -2.34
N TYR B 141 -6.53 40.45 -2.62
CA TYR B 141 -7.51 39.92 -3.56
C TYR B 141 -7.00 39.94 -4.99
N ASN B 142 -6.46 41.07 -5.43
CA ASN B 142 -6.05 41.20 -6.83
C ASN B 142 -4.80 40.39 -7.12
N GLU B 143 -3.94 40.19 -6.12
CA GLU B 143 -2.72 39.41 -6.32
C GLU B 143 -3.06 37.94 -6.54
N ARG B 144 -3.98 37.42 -5.70
CA ARG B 144 -4.44 36.04 -5.85
C ARG B 144 -5.22 35.89 -7.14
N LEU B 145 -5.97 36.94 -7.51
CA LEU B 145 -6.72 36.92 -8.76
C LEU B 145 -5.79 36.85 -9.95
N TRP B 146 -4.68 37.60 -9.90
CA TRP B 146 -3.74 37.62 -11.01
C TRP B 146 -3.10 36.26 -11.16
N ALA B 147 -2.69 35.66 -10.03
CA ALA B 147 -2.01 34.36 -10.07
C ALA B 147 -2.96 33.28 -10.56
N TRP B 148 -4.18 33.28 -10.04
CA TRP B 148 -5.19 32.28 -10.38
C TRP B 148 -5.56 32.37 -11.85
N GLU B 149 -5.88 33.58 -12.33
CA GLU B 149 -6.32 33.75 -13.70
C GLU B 149 -5.18 33.52 -14.66
N SER B 150 -3.95 33.91 -14.28
CA SER B 150 -2.83 33.79 -15.19
C SER B 150 -2.45 32.33 -15.36
N TRP B 151 -2.46 31.56 -14.26
CA TRP B 151 -2.06 30.17 -14.34
C TRP B 151 -3.10 29.38 -15.10
N ARG B 152 -4.39 29.62 -14.81
CA ARG B 152 -5.44 28.90 -15.52
C ARG B 152 -5.48 29.31 -16.98
N SER B 153 -5.23 30.58 -17.28
CA SER B 153 -5.24 31.06 -18.66
C SER B 153 -4.13 30.41 -19.47
N GLU B 154 -2.89 30.47 -18.98
CA GLU B 154 -1.76 29.91 -19.72
C GLU B 154 -1.85 28.40 -19.83
N VAL B 155 -2.07 27.72 -18.70
CA VAL B 155 -2.09 26.26 -18.68
C VAL B 155 -3.31 25.72 -19.43
N GLY B 156 -4.44 26.41 -19.33
CA GLY B 156 -5.64 26.00 -20.06
C GLY B 156 -5.49 26.17 -21.55
N LYS B 157 -4.92 27.29 -22.01
CA LYS B 157 -4.71 27.44 -23.45
C LYS B 157 -3.67 26.45 -23.97
N GLN B 158 -2.70 26.05 -23.15
CA GLN B 158 -1.70 25.14 -23.70
C GLN B 158 -2.10 23.68 -23.50
N LEU B 159 -3.14 23.41 -22.69
CA LEU B 159 -3.53 22.04 -22.39
C LEU B 159 -4.90 21.66 -22.94
N ARG B 160 -5.66 22.61 -23.50
CA ARG B 160 -7.02 22.29 -23.93
C ARG B 160 -7.04 21.34 -25.13
N PRO B 161 -6.31 21.57 -26.24
CA PRO B 161 -6.32 20.55 -27.32
C PRO B 161 -5.70 19.24 -26.90
N LEU B 162 -4.74 19.28 -25.98
CA LEU B 162 -4.14 18.06 -25.44
C LEU B 162 -5.18 17.25 -24.69
N TYR B 163 -6.01 17.92 -23.87
CA TYR B 163 -7.06 17.19 -23.16
C TYR B 163 -8.13 16.74 -24.15
N GLU B 164 -8.32 17.50 -25.24
CA GLU B 164 -9.31 17.18 -26.26
C GLU B 164 -8.96 15.87 -26.94
N GLU B 165 -7.67 15.65 -27.20
CA GLU B 165 -7.24 14.39 -27.79
C GLU B 165 -7.17 13.30 -26.72
N TYR B 166 -6.88 13.70 -25.48
CA TYR B 166 -6.71 12.75 -24.38
C TYR B 166 -8.01 12.03 -24.06
N VAL B 167 -9.12 12.77 -24.06
CA VAL B 167 -10.42 12.17 -23.71
C VAL B 167 -10.81 11.16 -24.78
N VAL B 168 -10.50 11.47 -26.05
CA VAL B 168 -10.88 10.61 -27.16
C VAL B 168 -10.06 9.32 -27.13
N LEU B 169 -8.74 9.45 -26.90
CA LEU B 169 -7.88 8.28 -26.87
C LEU B 169 -8.18 7.39 -25.67
N LYS B 170 -8.45 7.99 -24.50
CA LYS B 170 -8.78 7.19 -23.34
C LYS B 170 -10.15 6.53 -23.49
N ASN B 171 -11.09 7.20 -24.16
CA ASN B 171 -12.41 6.64 -24.38
C ASN B 171 -12.30 5.45 -25.34
N GLU B 172 -11.45 5.57 -26.37
CA GLU B 172 -11.22 4.45 -27.28
C GLU B 172 -10.52 3.30 -26.57
N MET B 173 -9.61 3.62 -25.66
CA MET B 173 -8.91 2.60 -24.88
C MET B 173 -9.89 1.84 -24.01
N ALA B 174 -10.82 2.57 -23.37
CA ALA B 174 -11.76 1.92 -22.48
C ALA B 174 -12.77 1.10 -23.27
N ARG B 175 -13.21 1.62 -24.42
CA ARG B 175 -14.22 0.92 -25.20
C ARG B 175 -13.63 -0.29 -25.91
N ALA B 176 -12.33 -0.27 -26.18
CA ALA B 176 -11.69 -1.45 -26.74
C ALA B 176 -11.45 -2.50 -25.67
N ASN B 177 -11.44 -2.07 -24.40
CA ASN B 177 -11.24 -2.95 -23.25
C ASN B 177 -12.56 -3.38 -22.63
N HIS B 178 -13.64 -3.31 -23.41
CA HIS B 178 -14.99 -3.77 -23.05
C HIS B 178 -15.59 -2.96 -21.91
N TYR B 179 -15.27 -1.66 -21.84
CA TYR B 179 -15.87 -0.75 -20.88
C TYR B 179 -16.69 0.28 -21.63
N GLU B 180 -17.68 0.86 -20.94
CA GLU B 180 -18.56 1.83 -21.58
C GLU B 180 -17.82 3.12 -21.89
N ASP B 181 -17.03 3.63 -20.93
CA ASP B 181 -16.28 4.85 -21.09
C ASP B 181 -15.09 4.79 -20.14
N TYR B 182 -14.26 5.83 -20.17
CA TYR B 182 -13.11 5.86 -19.27
C TYR B 182 -13.56 6.01 -17.83
N GLY B 183 -14.70 6.67 -17.61
CA GLY B 183 -15.24 6.77 -16.27
C GLY B 183 -15.64 5.41 -15.72
N ASP B 184 -16.19 4.55 -16.58
CA ASP B 184 -16.52 3.19 -16.18
C ASP B 184 -15.25 2.40 -15.88
N TYR B 185 -14.18 2.69 -16.65
CA TYR B 185 -12.89 2.03 -16.45
C TYR B 185 -12.33 2.40 -15.09
N TRP B 186 -12.51 3.66 -14.69
CA TRP B 186 -12.03 4.10 -13.39
C TRP B 186 -12.91 3.58 -12.28
N ARG B 187 -14.21 3.42 -12.55
CA ARG B 187 -15.13 2.93 -11.53
C ARG B 187 -15.02 1.42 -11.39
N GLY B 188 -14.28 0.76 -12.28
CA GLY B 188 -14.12 -0.68 -12.24
C GLY B 188 -13.28 -1.17 -11.09
N ASP B 189 -12.61 -0.27 -10.37
CA ASP B 189 -11.81 -0.67 -9.22
C ASP B 189 -12.70 -1.11 -8.06
N TYR B 190 -13.92 -0.61 -8.01
CA TYR B 190 -14.84 -0.92 -6.93
C TYR B 190 -15.79 -2.03 -7.31
N GLU B 191 -15.63 -2.58 -8.50
CA GLU B 191 -16.55 -3.58 -9.03
C GLU B 191 -16.31 -4.93 -8.35
N VAL B 192 -17.38 -5.54 -7.87
CA VAL B 192 -17.29 -6.89 -7.31
C VAL B 192 -18.31 -7.74 -8.05
N ASN B 193 -17.85 -8.83 -8.66
CA ASN B 193 -18.72 -9.71 -9.42
C ASN B 193 -18.53 -11.15 -8.97
N GLY B 194 -19.64 -11.87 -8.83
CA GLY B 194 -19.59 -13.30 -8.60
C GLY B 194 -19.79 -13.76 -7.17
N VAL B 195 -19.77 -12.87 -6.19
CA VAL B 195 -20.01 -13.24 -4.80
C VAL B 195 -21.43 -12.83 -4.42
N ASP B 196 -22.20 -13.79 -3.89
CA ASP B 196 -23.60 -13.55 -3.60
C ASP B 196 -23.73 -12.69 -2.35
N GLY B 197 -24.53 -11.64 -2.44
CA GLY B 197 -24.81 -10.79 -1.31
C GLY B 197 -23.87 -9.62 -1.19
N TYR B 198 -22.62 -9.80 -1.62
CA TYR B 198 -21.59 -8.78 -1.56
C TYR B 198 -21.26 -8.22 -2.93
N ASP B 199 -22.16 -8.36 -3.88
CA ASP B 199 -21.93 -7.93 -5.25
C ASP B 199 -21.99 -6.40 -5.34
N TYR B 200 -21.06 -5.83 -6.09
CA TYR B 200 -21.04 -4.38 -6.30
C TYR B 200 -20.77 -4.07 -7.77
N SER B 201 -21.59 -3.22 -8.34
CA SER B 201 -21.51 -2.90 -9.76
C SER B 201 -20.66 -1.64 -9.99
N ARG B 202 -20.23 -1.48 -11.25
CA ARG B 202 -19.48 -0.28 -11.62
C ARG B 202 -20.40 0.94 -11.59
N GLY B 203 -21.66 0.73 -11.95
CA GLY B 203 -22.58 1.84 -12.08
C GLY B 203 -23.20 2.26 -10.78
N GLN B 204 -23.10 1.43 -9.74
CA GLN B 204 -23.75 1.72 -8.46
C GLN B 204 -23.01 2.81 -7.70
N LEU B 205 -21.72 2.99 -8.00
CA LEU B 205 -20.87 3.92 -7.26
C LEU B 205 -21.39 5.34 -7.36
N ILE B 206 -21.89 5.74 -8.54
CA ILE B 206 -22.32 7.12 -8.71
C ILE B 206 -23.51 7.43 -7.80
N GLU B 207 -24.49 6.51 -7.70
CA GLU B 207 -25.64 6.83 -6.85
C GLU B 207 -25.27 6.69 -5.39
N ASP B 208 -24.35 5.79 -5.03
CA ASP B 208 -23.91 5.71 -3.64
C ASP B 208 -23.23 7.01 -3.22
N VAL B 209 -22.38 7.55 -4.10
CA VAL B 209 -21.69 8.81 -3.83
C VAL B 209 -22.72 9.93 -3.71
N GLU B 210 -23.72 9.96 -4.60
CA GLU B 210 -24.79 10.96 -4.56
C GLU B 210 -25.60 10.85 -3.27
N HIS B 211 -25.92 9.62 -2.86
CA HIS B 211 -26.73 9.37 -1.67
C HIS B 211 -25.99 9.78 -0.40
N THR B 212 -24.67 9.60 -0.39
CA THR B 212 -23.90 10.05 0.77
C THR B 212 -23.79 11.58 0.75
N PHE B 213 -23.60 12.16 -0.44
CA PHE B 213 -23.38 13.60 -0.53
C PHE B 213 -24.65 14.35 -0.15
N GLU B 214 -25.81 13.73 -0.37
CA GLU B 214 -27.08 14.38 -0.05
C GLU B 214 -27.23 14.56 1.45
N GLU B 215 -26.58 13.70 2.23
CA GLU B 215 -26.57 13.84 3.69
C GLU B 215 -25.35 14.63 4.15
N ILE B 216 -24.34 14.77 3.29
CA ILE B 216 -23.19 15.62 3.58
C ILE B 216 -23.62 17.07 3.48
N LYS B 217 -24.57 17.36 2.59
CA LYS B 217 -24.92 18.72 2.20
C LYS B 217 -25.36 19.65 3.34
N PRO B 218 -26.18 19.26 4.34
CA PRO B 218 -26.48 20.22 5.43
C PRO B 218 -25.24 20.68 6.21
N LEU B 219 -24.39 19.74 6.61
CA LEU B 219 -23.18 20.07 7.36
C LEU B 219 -22.28 20.97 6.54
N TYR B 220 -22.11 20.62 5.25
CA TYR B 220 -21.24 21.39 4.38
C TYR B 220 -21.82 22.80 4.20
N GLU B 221 -23.16 22.90 4.11
CA GLU B 221 -23.79 24.20 3.91
C GLU B 221 -23.55 25.10 5.11
N HIS B 222 -23.69 24.55 6.32
CA HIS B 222 -23.42 25.32 7.54
C HIS B 222 -21.96 25.75 7.60
N LEU B 223 -21.05 24.82 7.28
CA LEU B 223 -19.62 25.12 7.27
C LEU B 223 -19.33 26.20 6.23
N HIS B 224 -19.96 26.10 5.06
CA HIS B 224 -19.79 27.06 3.99
C HIS B 224 -20.24 28.44 4.44
N ALA B 225 -21.40 28.50 5.11
CA ALA B 225 -21.95 29.78 5.57
C ALA B 225 -21.01 30.42 6.58
N TYR B 226 -20.47 29.61 7.50
CA TYR B 226 -19.59 30.12 8.54
C TYR B 226 -18.31 30.65 7.91
N VAL B 227 -17.75 29.87 6.98
CA VAL B 227 -16.51 30.25 6.28
C VAL B 227 -16.75 31.53 5.50
N ARG B 228 -17.93 31.63 4.86
CA ARG B 228 -18.29 32.79 4.07
C ARG B 228 -18.33 34.04 4.94
N ALA B 229 -18.93 33.91 6.12
CA ALA B 229 -19.05 35.05 7.04
C ALA B 229 -17.66 35.50 7.49
N LYS B 230 -16.79 34.55 7.81
CA LYS B 230 -15.45 34.91 8.27
C LYS B 230 -14.64 35.51 7.13
N LEU B 231 -14.83 35.03 5.90
CA LEU B 231 -14.12 35.60 4.77
C LEU B 231 -14.68 36.97 4.43
N MET B 232 -15.95 37.23 4.78
CA MET B 232 -16.53 38.55 4.62
C MET B 232 -15.86 39.50 5.60
N ASN B 233 -15.51 38.99 6.78
CA ASN B 233 -14.72 39.78 7.72
C ASN B 233 -13.34 40.05 7.14
N ALA B 234 -12.80 39.07 6.41
CA ALA B 234 -11.46 39.20 5.83
C ALA B 234 -11.50 40.12 4.61
N TYR B 235 -12.46 39.92 3.72
CA TYR B 235 -12.62 40.72 2.50
C TYR B 235 -13.98 41.37 2.62
N PRO B 236 -14.07 42.68 2.81
CA PRO B 236 -15.36 43.30 3.16
C PRO B 236 -16.42 43.42 2.08
N SER B 237 -16.07 43.88 0.89
CA SER B 237 -17.09 44.17 -0.12
C SER B 237 -17.18 43.17 -1.25
N TYR B 238 -16.17 42.33 -1.43
CA TYR B 238 -16.12 41.46 -2.60
C TYR B 238 -17.03 40.24 -2.48
N ILE B 239 -17.31 39.78 -1.27
CA ILE B 239 -18.11 38.58 -1.08
C ILE B 239 -19.52 38.97 -0.67
N SER B 240 -20.52 38.29 -1.23
CA SER B 240 -21.94 38.55 -1.01
C SER B 240 -22.51 37.62 0.05
N PRO B 241 -23.45 38.12 0.88
CA PRO B 241 -24.07 37.23 1.88
C PRO B 241 -24.91 36.12 1.26
N ILE B 242 -25.48 36.36 0.08
CA ILE B 242 -26.39 35.41 -0.54
C ILE B 242 -25.71 34.55 -1.59
N GLY B 243 -24.47 34.87 -1.96
CA GLY B 243 -23.81 34.23 -3.07
C GLY B 243 -22.78 33.20 -2.66
N CYS B 244 -22.01 32.76 -3.65
CA CYS B 244 -20.99 31.73 -3.47
C CYS B 244 -19.65 32.36 -3.09
N LEU B 245 -18.69 31.52 -2.79
CA LEU B 245 -17.36 32.03 -2.48
C LEU B 245 -16.60 32.32 -3.77
N PRO B 246 -15.82 33.40 -3.81
CA PRO B 246 -14.94 33.62 -4.97
C PRO B 246 -13.91 32.51 -5.04
N ALA B 247 -13.58 32.08 -6.26
CA ALA B 247 -12.76 30.89 -6.44
C ALA B 247 -11.32 31.03 -5.97
N HIS B 248 -10.74 32.23 -6.05
CA HIS B 248 -9.35 32.40 -5.71
C HIS B 248 -9.15 32.75 -4.24
N LEU B 249 -10.16 32.50 -3.40
CA LEU B 249 -10.08 32.80 -1.98
C LEU B 249 -10.20 31.54 -1.13
N LEU B 250 -9.99 30.37 -1.71
CA LEU B 250 -10.24 29.12 -1.00
C LEU B 250 -8.99 28.55 -0.33
N GLY B 251 -7.85 29.25 -0.39
CA GLY B 251 -6.68 28.80 0.34
C GLY B 251 -5.77 27.89 -0.44
N ASP B 252 -6.23 27.34 -1.56
CA ASP B 252 -5.42 26.51 -2.43
C ASP B 252 -5.53 27.06 -3.84
N MET B 253 -4.81 26.42 -4.76
CA MET B 253 -4.85 26.86 -6.14
C MET B 253 -6.18 26.55 -6.78
N TRP B 254 -6.81 25.46 -6.37
CA TRP B 254 -8.02 24.96 -6.98
C TRP B 254 -9.21 24.92 -6.03
N GLY B 255 -8.99 25.06 -4.73
CA GLY B 255 -10.05 24.93 -3.77
C GLY B 255 -10.20 23.52 -3.26
N ARG B 256 -9.17 22.69 -3.41
CA ARG B 256 -9.25 21.29 -3.03
C ARG B 256 -9.31 21.12 -1.52
N PHE B 257 -8.45 21.83 -0.80
CA PHE B 257 -8.47 21.78 0.66
C PHE B 257 -8.75 23.17 1.19
N TRP B 258 -9.43 23.24 2.33
CA TRP B 258 -9.73 24.50 2.98
C TRP B 258 -8.89 24.69 4.22
N THR B 259 -7.84 23.88 4.39
CA THR B 259 -7.07 23.88 5.64
C THR B 259 -6.25 25.16 5.83
N ASN B 260 -6.11 25.98 4.79
CA ASN B 260 -5.34 27.22 4.87
C ASN B 260 -6.17 28.37 5.41
N LEU B 261 -7.43 28.11 5.75
CA LEU B 261 -8.34 29.13 6.25
C LEU B 261 -8.55 29.05 7.75
N TYR B 262 -7.74 28.25 8.45
CA TYR B 262 -7.86 28.16 9.90
C TYR B 262 -7.58 29.51 10.56
N SER B 263 -6.67 30.29 9.98
CA SER B 263 -6.31 31.58 10.55
C SER B 263 -7.45 32.57 10.43
N LEU B 264 -8.14 32.55 9.29
CA LEU B 264 -9.20 33.53 9.07
C LEU B 264 -10.51 33.08 9.70
N THR B 265 -10.76 31.78 9.75
CA THR B 265 -12.05 31.26 10.19
C THR B 265 -11.96 30.58 11.55
N VAL B 266 -11.10 31.06 12.44
CA VAL B 266 -10.92 30.38 13.73
C VAL B 266 -12.13 30.63 14.62
N PRO B 267 -12.66 29.62 15.31
CA PRO B 267 -13.76 29.87 16.25
C PRO B 267 -13.35 30.66 17.47
N PHE B 268 -12.27 30.21 18.10
CA PHE B 268 -11.76 30.81 19.32
C PHE B 268 -10.26 31.03 19.15
N GLY B 269 -9.89 32.22 18.68
CA GLY B 269 -8.49 32.51 18.44
C GLY B 269 -7.66 32.62 19.71
N GLN B 270 -8.31 32.91 20.84
CA GLN B 270 -7.57 33.10 22.09
C GLN B 270 -7.05 31.77 22.62
N LYS B 271 -7.80 30.69 22.39
CA LYS B 271 -7.39 29.39 22.89
C LYS B 271 -6.25 28.86 22.05
N PRO B 272 -5.27 28.20 22.66
CA PRO B 272 -4.19 27.59 21.87
C PRO B 272 -4.65 26.30 21.23
N ASN B 273 -3.79 25.76 20.38
CA ASN B 273 -4.06 24.49 19.71
C ASN B 273 -3.43 23.37 20.55
N ILE B 274 -3.33 22.18 19.98
CA ILE B 274 -2.80 21.04 20.72
C ILE B 274 -1.46 20.65 20.10
N ASP B 275 -0.71 21.66 19.64
CA ASP B 275 0.60 21.40 19.06
C ASP B 275 1.59 20.95 20.14
N VAL B 276 2.23 19.82 19.90
CA VAL B 276 3.14 19.23 20.88
C VAL B 276 4.56 19.19 20.32
N THR B 277 4.87 20.08 19.38
CA THR B 277 6.21 20.15 18.82
C THR B 277 7.21 20.59 19.89
N ASP B 278 6.79 21.52 20.74
CA ASP B 278 7.66 22.07 21.78
C ASP B 278 8.07 20.99 22.77
N ALA B 279 7.16 20.06 23.08
CA ALA B 279 7.48 19.02 24.04
C ALA B 279 8.45 18.01 23.44
N MET B 280 8.36 17.78 22.13
CA MET B 280 9.32 16.89 21.48
C MET B 280 10.70 17.52 21.44
N VAL B 281 10.77 18.83 21.16
CA VAL B 281 12.10 19.42 21.02
C VAL B 281 12.72 19.62 22.41
N ASP B 282 11.90 19.78 23.45
CA ASP B 282 12.45 19.89 24.80
C ASP B 282 12.99 18.55 25.28
N GLN B 283 12.33 17.45 24.90
CA GLN B 283 12.72 16.14 25.38
C GLN B 283 13.67 15.41 24.44
N ALA B 284 14.10 16.08 23.37
CA ALA B 284 15.03 15.55 22.35
C ALA B 284 14.51 14.24 21.73
N TRP B 285 13.36 14.34 21.05
CA TRP B 285 12.77 13.19 20.37
C TRP B 285 13.33 13.14 18.95
N ASP B 286 14.28 12.26 18.71
CA ASP B 286 14.79 12.04 17.37
C ASP B 286 13.79 11.21 16.56
N ALA B 287 14.06 11.11 15.25
CA ALA B 287 13.18 10.42 14.31
C ALA B 287 13.00 8.95 14.70
N GLN B 288 14.09 8.34 15.20
CA GLN B 288 14.06 6.94 15.60
C GLN B 288 13.06 6.72 16.71
N ARG B 289 13.00 7.66 17.66
CA ARG B 289 12.11 7.45 18.79
C ARG B 289 10.67 7.74 18.39
N ILE B 290 10.47 8.56 17.35
CA ILE B 290 9.13 8.84 16.83
C ILE B 290 8.56 7.56 16.23
N PHE B 291 9.38 6.89 15.41
CA PHE B 291 8.94 5.64 14.83
C PHE B 291 8.82 4.54 15.88
N LYS B 292 9.63 4.60 16.94
CA LYS B 292 9.50 3.63 18.02
C LYS B 292 8.21 3.83 18.80
N GLU B 293 7.79 5.09 18.97
CA GLU B 293 6.51 5.36 19.65
C GLU B 293 5.35 4.90 18.79
N ALA B 294 5.47 5.05 17.48
CA ALA B 294 4.44 4.55 16.57
C ALA B 294 4.37 3.04 16.65
N GLU B 295 5.54 2.39 16.72
CA GLU B 295 5.60 0.94 16.88
C GLU B 295 4.95 0.51 18.18
N LYS B 296 5.17 1.28 19.26
CA LYS B 296 4.60 0.91 20.55
C LYS B 296 3.10 1.02 20.50
N PHE B 297 2.58 1.99 19.73
CA PHE B 297 1.13 2.14 19.60
C PHE B 297 0.55 0.95 18.85
N PHE B 298 1.27 0.51 17.81
CA PHE B 298 0.77 -0.59 16.99
C PHE B 298 0.88 -1.92 17.73
N VAL B 299 1.84 -2.06 18.64
CA VAL B 299 1.88 -3.29 19.41
C VAL B 299 0.94 -3.20 20.59
N SER B 300 0.53 -1.98 20.96
CA SER B 300 -0.43 -1.81 22.04
C SER B 300 -1.80 -2.24 21.57
N VAL B 301 -2.08 -2.02 20.28
CA VAL B 301 -3.39 -2.33 19.73
C VAL B 301 -3.44 -3.80 19.33
N GLY B 302 -2.29 -4.47 19.25
CA GLY B 302 -2.22 -5.89 18.97
C GLY B 302 -1.53 -6.29 17.70
N LEU B 303 -1.13 -5.36 16.84
CA LEU B 303 -0.55 -5.68 15.55
C LEU B 303 0.93 -6.06 15.73
N PRO B 304 1.57 -6.65 14.70
CA PRO B 304 2.97 -7.10 14.88
C PRO B 304 3.97 -5.97 15.04
N ASN B 305 5.15 -6.33 15.53
CA ASN B 305 6.22 -5.34 15.63
C ASN B 305 6.77 -5.06 14.25
N MET B 306 7.75 -4.18 14.18
CA MET B 306 8.38 -3.92 12.89
C MET B 306 9.53 -4.90 12.70
N THR B 307 9.72 -5.31 11.45
CA THR B 307 10.76 -6.28 11.10
C THR B 307 12.15 -5.70 11.33
N GLN B 308 13.15 -6.60 11.33
CA GLN B 308 14.51 -6.15 11.56
C GLN B 308 15.03 -5.40 10.35
N GLY B 309 14.62 -5.84 9.16
CA GLY B 309 15.01 -5.20 7.93
C GLY B 309 14.40 -3.83 7.76
N PHE B 310 13.29 -3.57 8.45
CA PHE B 310 12.69 -2.24 8.43
C PHE B 310 13.60 -1.25 9.13
N TRP B 311 14.12 -1.61 10.30
CA TRP B 311 15.01 -0.72 11.02
C TRP B 311 16.36 -0.62 10.33
N GLU B 312 16.80 -1.69 9.68
CA GLU B 312 18.12 -1.67 9.06
C GLU B 312 18.12 -0.93 7.74
N ASN B 313 17.08 -1.10 6.91
CA ASN B 313 17.13 -0.59 5.54
C ASN B 313 16.41 0.72 5.30
N SER B 314 15.50 1.14 6.18
CA SER B 314 14.75 2.36 5.94
C SER B 314 15.63 3.58 6.16
N MET B 315 15.37 4.62 5.38
CA MET B 315 16.09 5.88 5.58
C MET B 315 15.08 6.84 6.19
N LEU B 316 15.12 6.96 7.52
CA LEU B 316 14.13 7.75 8.24
C LEU B 316 14.61 9.16 8.55
N THR B 317 15.76 9.55 7.99
CA THR B 317 16.31 10.89 8.19
C THR B 317 16.90 11.33 6.85
N ASP B 318 16.89 12.64 6.59
CA ASP B 318 17.47 13.16 5.37
C ASP B 318 18.97 12.86 5.38
N PRO B 319 19.53 12.28 4.31
CA PRO B 319 20.92 11.82 4.37
C PRO B 319 21.96 12.93 4.37
N GLY B 320 21.75 14.00 3.63
CA GLY B 320 22.69 15.10 3.63
C GLY B 320 22.61 15.84 2.31
N ASN B 321 23.53 16.80 2.16
CA ASN B 321 23.50 17.63 0.96
C ASN B 321 24.16 16.93 -0.22
N VAL B 322 25.20 16.13 0.04
CA VAL B 322 25.95 15.49 -1.03
C VAL B 322 25.12 14.40 -1.72
N GLN B 323 24.28 13.70 -0.96
CA GLN B 323 23.43 12.64 -1.48
C GLN B 323 22.00 13.16 -1.51
N LYS B 324 21.42 13.22 -2.70
CA LYS B 324 20.08 13.79 -2.86
C LYS B 324 19.04 12.68 -2.86
N ALA B 325 17.92 12.95 -2.21
CA ALA B 325 16.84 11.98 -2.11
C ALA B 325 15.50 12.69 -2.26
N VAL B 326 14.49 11.92 -2.65
CA VAL B 326 13.15 12.46 -2.77
C VAL B 326 12.57 12.60 -1.38
N CYS B 327 12.07 13.78 -1.03
CA CYS B 327 11.65 14.03 0.33
C CYS B 327 10.21 13.65 0.61
N HIS B 328 9.53 13.02 -0.34
CA HIS B 328 8.11 12.71 -0.14
C HIS B 328 7.98 11.53 0.83
N PRO B 329 7.11 11.62 1.84
CA PRO B 329 6.88 10.48 2.74
C PRO B 329 6.20 9.33 2.01
N THR B 330 6.86 8.18 1.98
CA THR B 330 6.35 7.04 1.22
C THR B 330 6.62 5.75 1.97
N ALA B 331 5.62 4.86 1.99
CA ALA B 331 5.78 3.54 2.55
C ALA B 331 6.04 2.58 1.40
N TRP B 332 7.10 1.78 1.49
CA TRP B 332 7.52 0.92 0.41
C TRP B 332 7.32 -0.54 0.80
N ASP B 333 6.68 -1.29 -0.09
CA ASP B 333 6.50 -2.73 0.04
C ASP B 333 7.32 -3.31 -1.10
N LEU B 334 8.62 -3.51 -0.85
CA LEU B 334 9.51 -4.07 -1.87
C LEU B 334 9.11 -5.48 -2.25
N GLY B 335 8.61 -6.22 -1.28
CA GLY B 335 8.26 -7.62 -1.39
C GLY B 335 9.43 -8.43 -0.92
N LYS B 336 9.27 -9.75 -0.95
CA LYS B 336 10.24 -10.70 -0.36
C LYS B 336 10.44 -10.38 1.12
N GLY B 337 9.34 -9.98 1.78
CA GLY B 337 9.34 -9.65 3.18
C GLY B 337 10.05 -8.36 3.52
N ASP B 338 10.24 -7.47 2.55
CA ASP B 338 11.00 -6.23 2.75
C ASP B 338 10.03 -5.07 2.77
N PHE B 339 9.96 -4.38 3.90
CA PHE B 339 9.09 -3.24 4.11
C PHE B 339 9.94 -2.08 4.59
N ARG B 340 9.81 -0.92 3.96
CA ARG B 340 10.65 0.21 4.29
C ARG B 340 9.81 1.48 4.33
N ILE B 341 10.29 2.50 5.03
CA ILE B 341 9.66 3.82 5.00
C ILE B 341 10.71 4.83 4.55
N LEU B 342 10.40 5.56 3.49
CA LEU B 342 11.22 6.67 3.01
C LEU B 342 10.58 7.94 3.56
N MET B 343 11.18 8.53 4.59
CA MET B 343 10.60 9.75 5.14
C MET B 343 11.73 10.64 5.63
N CYS B 344 11.78 11.88 5.13
CA CYS B 344 12.74 12.87 5.63
C CYS B 344 12.20 13.50 6.92
N THR B 345 12.19 12.68 7.97
CA THR B 345 11.58 13.07 9.24
C THR B 345 12.27 14.26 9.89
N LYS B 346 11.47 15.18 10.41
CA LYS B 346 11.98 16.29 11.19
C LYS B 346 11.28 16.15 12.54
N VAL B 347 11.50 17.08 13.46
CA VAL B 347 10.77 17.02 14.72
C VAL B 347 9.62 18.00 14.62
N THR B 348 8.40 17.48 14.49
CA THR B 348 7.14 18.22 14.43
C THR B 348 6.03 17.30 14.87
N MET B 349 4.92 17.90 15.30
CA MET B 349 3.72 17.13 15.59
C MET B 349 3.23 16.44 14.32
N ASP B 350 3.33 17.16 13.19
CA ASP B 350 2.92 16.71 11.87
C ASP B 350 3.68 15.44 11.53
N ASP B 351 5.02 15.49 11.39
CA ASP B 351 5.82 14.32 11.03
C ASP B 351 5.56 13.12 11.95
N PHE B 352 5.19 13.37 13.22
CA PHE B 352 4.82 12.30 14.14
C PHE B 352 3.53 11.63 13.69
N LEU B 353 2.53 12.45 13.32
CA LEU B 353 1.25 11.92 12.86
C LEU B 353 1.44 11.23 11.52
N THR B 354 2.34 11.76 10.70
CA THR B 354 2.59 11.21 9.38
C THR B 354 3.34 9.90 9.51
N ALA B 355 4.15 9.76 10.57
CA ALA B 355 4.85 8.51 10.82
C ALA B 355 3.84 7.45 11.23
N HIS B 356 2.82 7.86 11.99
CA HIS B 356 1.75 6.94 12.35
C HIS B 356 0.98 6.51 11.10
N HIS B 357 0.76 7.45 10.19
CA HIS B 357 0.07 7.20 8.92
C HIS B 357 0.86 6.19 8.07
N GLU B 358 2.16 6.42 7.91
CA GLU B 358 2.94 5.55 7.04
C GLU B 358 3.20 4.20 7.70
N MET B 359 3.22 4.15 9.03
CA MET B 359 3.39 2.85 9.66
C MET B 359 2.07 2.09 9.58
N GLY B 360 0.96 2.81 9.49
CA GLY B 360 -0.33 2.15 9.25
C GLY B 360 -0.33 1.55 7.86
N HIS B 361 0.31 2.24 6.91
CA HIS B 361 0.44 1.74 5.55
C HIS B 361 1.28 0.46 5.56
N ILE B 362 2.37 0.46 6.32
CA ILE B 362 3.28 -0.68 6.35
C ILE B 362 2.63 -1.86 7.08
N GLN B 363 1.84 -1.60 8.12
CA GLN B 363 1.12 -2.67 8.81
C GLN B 363 0.09 -3.31 7.89
N TYR B 364 -0.55 -2.47 7.06
CA TYR B 364 -1.49 -2.99 6.08
C TYR B 364 -0.75 -3.83 5.05
N ASP B 365 0.46 -3.41 4.66
CA ASP B 365 1.24 -4.16 3.68
C ASP B 365 1.78 -5.46 4.28
N MET B 366 2.01 -5.49 5.59
CA MET B 366 2.58 -6.67 6.25
C MET B 366 1.54 -7.74 6.45
N ALA B 367 0.31 -7.32 6.80
CA ALA B 367 -0.76 -8.28 7.07
C ALA B 367 -1.11 -9.09 5.83
N TYR B 368 -1.11 -8.46 4.66
CA TYR B 368 -1.54 -9.11 3.43
C TYR B 368 -0.40 -9.77 2.67
N ALA B 369 0.80 -9.80 3.25
CA ALA B 369 1.98 -10.29 2.55
C ALA B 369 1.82 -11.76 2.15
N ALA B 370 1.23 -12.58 3.03
CA ALA B 370 1.03 -14.01 2.77
C ALA B 370 0.22 -14.28 1.49
N GLN B 371 -0.67 -13.35 1.12
CA GLN B 371 -1.50 -13.44 -0.09
C GLN B 371 -0.64 -13.57 -1.36
N PRO B 372 -1.22 -14.09 -2.45
CA PRO B 372 -0.50 -14.11 -3.72
C PRO B 372 -0.15 -12.71 -4.20
N PHE B 373 0.84 -12.64 -5.10
CA PHE B 373 1.46 -11.36 -5.50
C PHE B 373 0.46 -10.39 -6.09
N LEU B 374 -0.45 -10.87 -6.92
CA LEU B 374 -1.33 -9.95 -7.61
C LEU B 374 -2.53 -9.54 -6.75
N LEU B 375 -2.65 -10.10 -5.54
CA LEU B 375 -3.70 -9.72 -4.61
C LEU B 375 -3.15 -8.99 -3.41
N ARG B 376 -1.87 -8.60 -3.45
CA ARG B 376 -1.23 -7.83 -2.39
C ARG B 376 -1.51 -6.36 -2.62
N ASN B 377 -2.73 -5.95 -2.31
CA ASN B 377 -3.14 -4.55 -2.40
C ASN B 377 -4.31 -4.35 -1.46
N GLY B 378 -4.81 -3.13 -1.44
CA GLY B 378 -6.00 -2.86 -0.67
C GLY B 378 -7.21 -3.41 -1.39
N ALA B 379 -8.30 -3.62 -0.65
CA ALA B 379 -9.48 -4.22 -1.26
C ALA B 379 -10.09 -3.31 -2.31
N ASN B 380 -9.94 -2.00 -2.12
CA ASN B 380 -10.26 -1.00 -3.13
C ASN B 380 -9.24 0.11 -2.93
N GLU B 381 -9.32 1.16 -3.74
CA GLU B 381 -8.29 2.17 -3.68
C GLU B 381 -8.42 3.08 -2.45
N GLY B 382 -9.55 3.01 -1.75
CA GLY B 382 -9.79 3.84 -0.59
C GLY B 382 -9.30 3.28 0.73
N PHE B 383 -9.21 1.94 0.85
CA PHE B 383 -8.91 1.32 2.15
C PHE B 383 -7.49 1.60 2.61
N HIS B 384 -6.54 1.63 1.67
CA HIS B 384 -5.14 1.74 2.03
C HIS B 384 -4.82 3.05 2.74
N GLU B 385 -5.41 4.15 2.27
CA GLU B 385 -5.14 5.42 2.92
C GLU B 385 -6.03 5.61 4.14
N ALA B 386 -7.20 4.96 4.15
CA ALA B 386 -8.11 5.05 5.30
C ALA B 386 -7.47 4.40 6.52
N VAL B 387 -6.77 3.28 6.34
CA VAL B 387 -6.23 2.59 7.50
C VAL B 387 -5.01 3.31 8.08
N GLY B 388 -4.45 4.28 7.34
CA GLY B 388 -3.38 5.11 7.85
C GLY B 388 -3.96 6.34 8.48
N GLU B 389 -5.06 6.84 7.91
CA GLU B 389 -5.66 8.05 8.45
C GLU B 389 -6.36 7.76 9.78
N ILE B 390 -6.80 6.52 10.01
CA ILE B 390 -7.38 6.22 11.32
C ILE B 390 -6.28 6.25 12.39
N MET B 391 -5.06 5.84 12.03
CA MET B 391 -3.95 5.91 12.99
C MET B 391 -3.57 7.35 13.25
N SER B 392 -3.60 8.18 12.20
CA SER B 392 -3.36 9.61 12.38
C SER B 392 -4.46 10.25 13.23
N LEU B 393 -5.68 9.70 13.17
CA LEU B 393 -6.78 10.23 13.96
C LEU B 393 -6.59 9.86 15.43
N SER B 394 -6.27 8.59 15.69
CA SER B 394 -6.17 8.10 17.05
C SER B 394 -4.95 8.66 17.76
N ALA B 395 -3.85 8.88 17.04
CA ALA B 395 -2.63 9.34 17.68
C ALA B 395 -2.67 10.81 18.04
N ALA B 396 -3.55 11.59 17.44
CA ALA B 396 -3.59 13.03 17.67
C ALA B 396 -4.51 13.44 18.81
N THR B 397 -5.08 12.47 19.52
CA THR B 397 -6.09 12.77 20.52
C THR B 397 -5.41 13.25 21.80
N PRO B 398 -6.09 14.09 22.60
CA PRO B 398 -5.49 14.54 23.86
C PRO B 398 -5.20 13.41 24.83
N LYS B 399 -5.98 12.33 24.79
CA LYS B 399 -5.76 11.20 25.67
C LYS B 399 -4.44 10.52 25.32
N HIS B 400 -4.19 10.34 24.02
CA HIS B 400 -2.99 9.64 23.60
C HIS B 400 -1.76 10.49 23.83
N LEU B 401 -1.88 11.82 23.68
CA LEU B 401 -0.76 12.69 23.95
C LEU B 401 -0.47 12.81 25.44
N LYS B 402 -1.49 12.73 26.29
CA LYS B 402 -1.22 12.68 27.72
C LYS B 402 -0.72 11.31 28.16
N SER B 403 -1.03 10.27 27.39
CA SER B 403 -0.58 8.94 27.74
C SER B 403 0.92 8.78 27.51
N ILE B 404 1.44 9.38 26.45
CA ILE B 404 2.85 9.20 26.09
C ILE B 404 3.71 10.35 26.58
N GLY B 405 3.14 11.30 27.32
CA GLY B 405 3.92 12.33 27.97
C GLY B 405 4.19 13.59 27.17
N LEU B 406 3.68 13.69 25.95
CA LEU B 406 3.88 14.93 25.20
C LEU B 406 3.00 16.05 25.72
N LEU B 407 1.86 15.72 26.28
CA LEU B 407 0.91 16.72 26.74
C LEU B 407 0.85 16.60 28.25
N SER B 408 0.71 17.74 28.93
CA SER B 408 0.77 17.74 30.39
C SER B 408 -0.41 16.99 30.98
N PRO B 409 -0.22 16.29 32.11
CA PRO B 409 -1.35 15.60 32.74
C PRO B 409 -2.39 16.53 33.35
N ASP B 410 -2.09 17.81 33.54
CA ASP B 410 -3.06 18.75 34.07
C ASP B 410 -3.74 19.55 32.96
N PHE B 411 -3.73 19.05 31.73
CA PHE B 411 -4.29 19.79 30.62
C PHE B 411 -5.80 19.67 30.64
N GLN B 412 -6.48 20.80 30.51
CA GLN B 412 -7.93 20.86 30.57
C GLN B 412 -8.50 20.84 29.16
N GLU B 413 -9.33 19.84 28.87
CA GLU B 413 -9.96 19.73 27.55
C GLU B 413 -11.33 20.38 27.69
N ASP B 414 -11.41 21.67 27.38
CA ASP B 414 -12.69 22.34 27.44
C ASP B 414 -13.33 22.24 26.06
N ASN B 415 -14.56 22.74 25.94
CA ASN B 415 -15.30 22.56 24.70
C ASN B 415 -14.77 23.46 23.59
N GLU B 416 -14.09 24.56 23.92
CA GLU B 416 -13.67 25.51 22.91
C GLU B 416 -12.52 24.96 22.08
N THR B 417 -11.55 24.28 22.71
CA THR B 417 -10.46 23.70 21.93
C THR B 417 -10.97 22.52 21.10
N GLU B 418 -12.06 21.89 21.54
CA GLU B 418 -12.66 20.80 20.78
C GLU B 418 -13.31 21.37 19.53
N ILE B 419 -14.05 22.48 19.69
CA ILE B 419 -14.65 23.16 18.54
C ILE B 419 -13.56 23.59 17.56
N ASN B 420 -12.42 24.07 18.08
CA ASN B 420 -11.33 24.52 17.22
C ASN B 420 -10.75 23.36 16.42
N PHE B 421 -10.51 22.24 17.11
CA PHE B 421 -9.95 21.05 16.48
C PHE B 421 -10.89 20.52 15.42
N LEU B 422 -12.18 20.41 15.76
CA LEU B 422 -13.17 19.88 14.83
C LEU B 422 -13.35 20.80 13.64
N LEU B 423 -13.10 22.11 13.79
CA LEU B 423 -13.24 22.97 12.64
C LEU B 423 -12.02 22.87 11.73
N LYS B 424 -10.83 22.66 12.31
CA LYS B 424 -9.65 22.44 11.47
C LYS B 424 -9.83 21.14 10.69
N GLN B 425 -10.37 20.12 11.37
CA GLN B 425 -10.59 18.83 10.74
C GLN B 425 -11.68 18.96 9.69
N ALA B 426 -12.63 19.87 9.90
CA ALA B 426 -13.73 20.01 8.96
C ALA B 426 -13.22 20.71 7.71
N LEU B 427 -12.34 21.70 7.88
CA LEU B 427 -11.80 22.42 6.75
C LEU B 427 -10.91 21.50 5.92
N THR B 428 -10.30 20.52 6.56
CA THR B 428 -9.45 19.59 5.80
C THR B 428 -10.26 18.45 5.17
N ILE B 429 -11.28 17.96 5.87
CA ILE B 429 -12.00 16.76 5.48
C ILE B 429 -13.35 17.06 4.82
N VAL B 430 -14.20 17.85 5.45
CA VAL B 430 -15.52 18.12 4.90
C VAL B 430 -15.39 19.10 3.74
N GLY B 431 -14.34 19.93 3.74
CA GLY B 431 -14.14 20.87 2.66
C GLY B 431 -13.77 20.21 1.36
N THR B 432 -13.07 19.09 1.40
CA THR B 432 -12.60 18.46 0.17
C THR B 432 -13.66 17.58 -0.46
N LEU B 433 -14.74 17.25 0.27
CA LEU B 433 -15.74 16.31 -0.25
C LEU B 433 -16.53 16.87 -1.42
N PRO B 434 -17.11 18.10 -1.38
CA PRO B 434 -17.85 18.56 -2.56
C PRO B 434 -16.94 18.81 -3.75
N PHE B 435 -15.70 19.22 -3.53
CA PHE B 435 -14.75 19.41 -4.63
C PHE B 435 -14.43 18.08 -5.28
N THR B 436 -14.21 17.04 -4.48
CA THR B 436 -13.86 15.73 -5.00
C THR B 436 -15.04 15.13 -5.78
N TYR B 437 -16.24 15.23 -5.20
CA TYR B 437 -17.43 14.67 -5.85
C TYR B 437 -17.73 15.42 -7.14
N MET B 438 -17.57 16.75 -7.13
CA MET B 438 -17.84 17.55 -8.31
C MET B 438 -16.85 17.24 -9.41
N LEU B 439 -15.56 17.12 -9.04
CA LEU B 439 -14.53 16.91 -10.06
C LEU B 439 -14.71 15.55 -10.70
N GLU B 440 -15.01 14.53 -9.88
CA GLU B 440 -15.17 13.21 -10.43
C GLU B 440 -16.44 13.13 -11.25
N LYS B 441 -17.48 13.87 -10.86
CA LYS B 441 -18.73 13.77 -11.59
C LYS B 441 -18.63 14.50 -12.93
N TRP B 442 -17.83 15.59 -12.97
CA TRP B 442 -17.57 16.26 -14.23
C TRP B 442 -16.74 15.37 -15.14
N ARG B 443 -15.73 14.69 -14.57
CA ARG B 443 -14.89 13.82 -15.38
C ARG B 443 -15.68 12.62 -15.89
N TRP B 444 -16.59 12.10 -15.06
CA TRP B 444 -17.44 11.00 -15.46
C TRP B 444 -18.37 11.41 -16.59
N MET B 445 -18.94 12.63 -16.51
CA MET B 445 -19.85 13.00 -17.59
C MET B 445 -19.10 13.38 -18.86
N VAL B 446 -17.87 13.90 -18.74
CA VAL B 446 -17.17 14.26 -19.97
C VAL B 446 -16.62 12.99 -20.62
N PHE B 447 -16.34 11.94 -19.84
CA PHE B 447 -15.95 10.67 -20.44
C PHE B 447 -17.17 9.96 -21.01
N LYS B 448 -18.33 10.15 -20.37
CA LYS B 448 -19.56 9.49 -20.80
C LYS B 448 -20.15 10.15 -22.03
N GLY B 449 -19.77 11.39 -22.32
CA GLY B 449 -20.30 12.13 -23.44
C GLY B 449 -21.59 12.85 -23.13
N GLU B 450 -21.99 12.89 -21.85
CA GLU B 450 -23.18 13.64 -21.46
C GLU B 450 -22.96 15.14 -21.63
N ILE B 451 -21.75 15.61 -21.35
CA ILE B 451 -21.39 17.02 -21.53
C ILE B 451 -20.89 17.19 -22.96
N PRO B 452 -21.46 18.11 -23.74
CA PRO B 452 -20.97 18.36 -25.09
C PRO B 452 -19.57 18.97 -25.06
N LYS B 453 -18.88 18.84 -26.20
CA LYS B 453 -17.48 19.24 -26.29
C LYS B 453 -17.32 20.75 -26.14
N ASP B 454 -18.28 21.53 -26.61
CA ASP B 454 -18.20 22.98 -26.61
C ASP B 454 -18.87 23.58 -25.39
N GLN B 455 -19.24 22.74 -24.41
CA GLN B 455 -19.95 23.16 -23.21
C GLN B 455 -19.22 22.74 -21.94
N TRP B 456 -17.90 22.53 -22.02
CA TRP B 456 -17.16 22.01 -20.87
C TRP B 456 -17.16 23.00 -19.71
N MET B 457 -16.62 24.21 -19.96
CA MET B 457 -16.43 25.20 -18.90
C MET B 457 -17.77 25.64 -18.32
N LYS B 458 -18.76 25.83 -19.20
CA LYS B 458 -20.08 26.28 -18.77
C LYS B 458 -20.72 25.25 -17.86
N LYS B 459 -20.48 23.97 -18.15
CA LYS B 459 -21.07 22.98 -17.27
C LYS B 459 -20.30 22.93 -15.95
N TRP B 460 -18.96 23.01 -16.04
CA TRP B 460 -18.09 22.84 -14.87
C TRP B 460 -18.35 23.92 -13.85
N TRP B 461 -18.41 25.17 -14.32
CA TRP B 461 -18.59 26.30 -13.44
C TRP B 461 -19.97 26.25 -12.82
N GLU B 462 -20.96 25.80 -13.61
CA GLU B 462 -22.32 25.69 -13.11
C GLU B 462 -22.38 24.71 -11.96
N MET B 463 -21.65 23.58 -12.11
CA MET B 463 -21.66 22.58 -11.05
C MET B 463 -20.91 23.10 -9.84
N LYS B 464 -19.84 23.88 -10.09
CA LYS B 464 -19.10 24.48 -8.99
C LYS B 464 -19.99 25.46 -8.25
N ARG B 465 -20.88 26.15 -8.96
CA ARG B 465 -21.82 27.02 -8.27
C ARG B 465 -22.87 26.19 -7.56
N GLU B 466 -23.30 25.07 -8.15
CA GLU B 466 -24.42 24.34 -7.60
C GLU B 466 -24.01 23.36 -6.51
N ILE B 467 -22.83 22.74 -6.63
CA ILE B 467 -22.41 21.71 -5.70
C ILE B 467 -21.46 22.29 -4.65
N VAL B 468 -20.34 22.83 -5.10
CA VAL B 468 -19.31 23.28 -4.16
C VAL B 468 -19.70 24.62 -3.56
N GLY B 469 -20.50 25.41 -4.27
CA GLY B 469 -20.83 26.73 -3.78
C GLY B 469 -19.67 27.69 -3.94
N VAL B 470 -18.95 27.58 -5.04
CA VAL B 470 -17.83 28.46 -5.36
C VAL B 470 -18.07 29.04 -6.75
N VAL B 471 -17.97 30.35 -6.88
CA VAL B 471 -18.27 31.04 -8.14
C VAL B 471 -16.97 31.41 -8.83
N GLU B 472 -17.00 31.51 -10.16
CA GLU B 472 -15.81 31.92 -10.89
C GLU B 472 -15.65 33.43 -10.77
N PRO B 473 -14.43 33.95 -10.79
CA PRO B 473 -14.25 35.40 -10.83
C PRO B 473 -14.71 36.04 -12.14
N VAL B 474 -14.22 35.55 -13.27
CA VAL B 474 -14.65 36.05 -14.58
C VAL B 474 -15.14 34.87 -15.40
N PRO B 475 -16.03 35.08 -16.38
CA PRO B 475 -16.45 33.97 -17.24
C PRO B 475 -15.28 33.42 -18.07
N HIS B 476 -15.29 32.11 -18.29
CA HIS B 476 -14.28 31.44 -19.10
C HIS B 476 -14.97 30.72 -20.25
N ASP B 477 -14.44 30.91 -21.45
CA ASP B 477 -14.96 30.23 -22.63
C ASP B 477 -14.17 28.94 -22.85
N GLU B 478 -14.40 28.27 -23.97
CA GLU B 478 -13.80 26.96 -24.20
C GLU B 478 -12.35 27.02 -24.64
N THR B 479 -11.73 28.21 -24.62
CA THR B 479 -10.31 28.31 -24.89
C THR B 479 -9.49 27.92 -23.67
N TYR B 480 -10.14 27.83 -22.51
CA TYR B 480 -9.52 27.51 -21.25
C TYR B 480 -9.84 26.05 -20.93
N CYS B 481 -8.98 25.41 -20.17
CA CYS B 481 -9.24 24.06 -19.66
C CYS B 481 -8.96 24.16 -18.17
N ASP B 482 -9.94 24.66 -17.44
CA ASP B 482 -9.83 24.95 -16.02
C ASP B 482 -9.72 23.72 -15.12
N PRO B 483 -10.39 22.57 -15.39
CA PRO B 483 -10.10 21.40 -14.56
C PRO B 483 -8.67 20.92 -14.63
N ALA B 484 -8.05 20.98 -15.82
CA ALA B 484 -6.73 20.40 -16.08
C ALA B 484 -5.58 21.09 -15.33
N SER B 485 -5.83 22.15 -14.59
CA SER B 485 -4.77 22.79 -13.82
C SER B 485 -4.40 22.01 -12.57
N LEU B 486 -5.13 20.95 -12.25
CA LEU B 486 -4.88 20.13 -11.07
C LEU B 486 -3.96 18.98 -11.44
N PHE B 487 -3.17 18.51 -10.47
CA PHE B 487 -2.16 17.50 -10.72
C PHE B 487 -2.77 16.16 -11.11
N HIS B 488 -3.87 15.77 -10.46
CA HIS B 488 -4.42 14.43 -10.69
C HIS B 488 -5.07 14.31 -12.06
N VAL B 489 -5.75 15.35 -12.51
CA VAL B 489 -6.49 15.25 -13.77
C VAL B 489 -5.57 15.43 -14.97
N SER B 490 -4.51 16.24 -14.85
CA SER B 490 -3.58 16.42 -15.93
C SER B 490 -2.68 15.21 -16.13
N ASN B 491 -2.53 14.38 -15.08
CA ASN B 491 -1.60 13.26 -15.12
C ASN B 491 -2.30 11.91 -15.01
N ASP B 492 -3.58 11.85 -15.40
CA ASP B 492 -4.34 10.60 -15.54
C ASP B 492 -4.44 9.82 -14.23
N TYR B 493 -5.03 10.45 -13.21
CA TYR B 493 -5.25 9.78 -11.94
C TYR B 493 -6.71 9.80 -11.54
N SER B 494 -7.16 8.70 -10.96
CA SER B 494 -8.52 8.61 -10.44
C SER B 494 -8.66 9.50 -9.22
N PHE B 495 -9.82 10.12 -9.07
CA PHE B 495 -10.01 11.09 -8.00
C PHE B 495 -11.05 10.70 -6.96
N ILE B 496 -11.84 9.65 -7.18
CA ILE B 496 -12.90 9.32 -6.23
C ILE B 496 -12.36 8.58 -5.01
N ARG B 497 -11.07 8.22 -5.04
CA ARG B 497 -10.44 7.52 -3.95
C ARG B 497 -10.42 8.38 -2.69
N TYR B 498 -10.34 9.70 -2.85
CA TYR B 498 -10.28 10.58 -1.70
C TYR B 498 -11.64 10.64 -1.00
N TYR B 499 -12.72 10.64 -1.77
CA TYR B 499 -14.07 10.66 -1.22
C TYR B 499 -14.33 9.35 -0.48
N THR B 500 -13.99 8.23 -1.13
CA THR B 500 -14.24 6.93 -0.53
C THR B 500 -13.37 6.74 0.70
N ARG B 501 -12.12 7.24 0.66
CA ARG B 501 -11.20 7.11 1.78
C ARG B 501 -11.72 7.90 2.96
N THR B 502 -12.30 9.07 2.68
CA THR B 502 -12.82 9.95 3.72
C THR B 502 -13.98 9.27 4.44
N LEU B 503 -14.83 8.58 3.69
CA LEU B 503 -15.97 7.94 4.35
C LEU B 503 -15.53 6.68 5.09
N TYR B 504 -14.61 5.90 4.50
CA TYR B 504 -14.15 4.66 5.12
C TYR B 504 -13.38 4.95 6.39
N GLN B 505 -12.74 6.12 6.45
CA GLN B 505 -11.94 6.51 7.61
C GLN B 505 -12.79 6.58 8.86
N PHE B 506 -13.90 7.32 8.77
CA PHE B 506 -14.74 7.50 9.93
C PHE B 506 -15.58 6.27 10.21
N GLN B 507 -15.85 5.44 9.17
CA GLN B 507 -16.55 4.19 9.42
C GLN B 507 -15.69 3.25 10.22
N PHE B 508 -14.42 3.11 9.82
CA PHE B 508 -13.45 2.29 10.55
C PHE B 508 -13.27 2.82 11.95
N GLN B 509 -13.28 4.14 12.10
CA GLN B 509 -13.06 4.75 13.40
C GLN B 509 -14.21 4.44 14.35
N GLU B 510 -15.46 4.51 13.86
CA GLU B 510 -16.58 4.15 14.74
C GLU B 510 -16.53 2.68 15.10
N ALA B 511 -16.18 1.81 14.16
CA ALA B 511 -16.20 0.38 14.44
C ALA B 511 -15.15 0.04 15.49
N LEU B 512 -13.97 0.65 15.39
CA LEU B 512 -12.91 0.35 16.34
C LEU B 512 -13.21 0.99 17.69
N CYS B 513 -13.89 2.15 17.70
CA CYS B 513 -14.16 2.82 18.96
C CYS B 513 -15.31 2.15 19.70
N GLN B 514 -16.29 1.58 19.00
CA GLN B 514 -17.29 0.80 19.69
C GLN B 514 -16.73 -0.55 20.08
N ALA B 515 -15.66 -0.98 19.43
CA ALA B 515 -15.02 -2.24 19.79
C ALA B 515 -14.19 -2.04 21.06
N ALA B 516 -13.64 -0.84 21.24
CA ALA B 516 -12.74 -0.53 22.34
C ALA B 516 -13.46 0.08 23.53
N LYS B 517 -14.79 0.15 23.50
CA LYS B 517 -15.65 0.64 24.59
C LYS B 517 -15.32 2.08 24.95
N HIS B 518 -15.51 2.97 23.99
CA HIS B 518 -15.31 4.40 24.20
C HIS B 518 -16.64 5.02 24.62
N GLU B 519 -16.64 5.77 25.73
CA GLU B 519 -17.89 6.28 26.28
C GLU B 519 -18.10 7.78 26.07
N GLY B 520 -17.34 8.41 25.20
CA GLY B 520 -17.57 9.81 24.92
C GLY B 520 -17.87 10.09 23.46
N PRO B 521 -17.63 11.33 23.04
CA PRO B 521 -17.77 11.66 21.62
C PRO B 521 -16.69 10.98 20.80
N LEU B 522 -16.99 10.78 19.50
CA LEU B 522 -16.12 10.01 18.64
C LEU B 522 -14.75 10.65 18.42
N HIS B 523 -14.68 11.99 18.42
CA HIS B 523 -13.40 12.64 18.12
C HIS B 523 -12.39 12.51 19.25
N LYS B 524 -12.80 12.09 20.44
CA LYS B 524 -11.92 11.94 21.58
C LYS B 524 -11.40 10.52 21.71
N CYS B 525 -11.82 9.63 20.82
CA CYS B 525 -11.55 8.20 20.97
C CYS B 525 -10.13 7.82 20.58
N ASP B 526 -9.58 6.87 21.32
CA ASP B 526 -8.26 6.31 21.10
C ASP B 526 -8.39 4.80 21.10
N ILE B 527 -7.70 4.13 20.17
CA ILE B 527 -7.77 2.69 20.09
C ILE B 527 -6.59 2.03 20.78
N SER B 528 -5.82 2.79 21.56
CA SER B 528 -4.62 2.27 22.21
C SER B 528 -5.01 1.33 23.35
N ASN B 529 -4.30 0.20 23.45
CA ASN B 529 -4.38 -0.86 24.46
C ASN B 529 -5.61 -1.74 24.27
N SER B 530 -6.39 -1.52 23.23
CA SER B 530 -7.54 -2.35 22.91
C SER B 530 -7.17 -3.39 21.87
N THR B 531 -7.08 -4.65 22.30
CA THR B 531 -6.67 -5.73 21.42
C THR B 531 -7.84 -6.28 20.63
N GLU B 532 -9.07 -6.08 21.10
CA GLU B 532 -10.23 -6.53 20.33
C GLU B 532 -10.43 -5.64 19.12
N ALA B 533 -10.01 -4.37 19.21
CA ALA B 533 -10.13 -3.45 18.10
C ALA B 533 -9.03 -3.73 17.09
N GLY B 534 -7.84 -4.06 17.59
CA GLY B 534 -6.75 -4.42 16.69
C GLY B 534 -7.04 -5.72 15.98
N GLN B 535 -7.71 -6.65 16.68
CA GLN B 535 -8.10 -7.92 16.06
C GLN B 535 -9.16 -7.66 15.00
N LYS B 536 -10.10 -6.75 15.30
CA LYS B 536 -11.20 -6.42 14.39
C LYS B 536 -10.64 -5.83 13.11
N LEU B 537 -9.60 -5.01 13.25
CA LEU B 537 -8.99 -4.37 12.10
C LEU B 537 -8.13 -5.38 11.33
N PHE B 538 -7.38 -6.22 12.07
CA PHE B 538 -6.49 -7.19 11.46
C PHE B 538 -7.26 -8.24 10.67
N ASN B 539 -8.56 -8.43 10.96
CA ASN B 539 -9.34 -9.41 10.22
C ASN B 539 -9.61 -8.93 8.80
N MET B 540 -9.44 -7.64 8.55
CA MET B 540 -9.62 -7.01 7.25
C MET B 540 -8.28 -6.77 6.59
N LEU B 541 -7.26 -6.47 7.39
CA LEU B 541 -5.92 -6.19 6.84
C LEU B 541 -5.31 -7.43 6.19
N ARG B 542 -5.47 -8.60 6.80
CA ARG B 542 -4.84 -9.82 6.28
C ARG B 542 -5.41 -10.22 4.92
N LEU B 543 -6.67 -9.87 4.65
CA LEU B 543 -7.34 -10.28 3.42
C LEU B 543 -6.66 -9.72 2.18
N GLY B 544 -6.24 -8.47 2.21
CA GLY B 544 -5.68 -7.86 1.02
C GLY B 544 -6.77 -7.62 0.01
N LYS B 545 -6.52 -8.06 -1.22
CA LYS B 545 -7.48 -7.91 -2.30
C LYS B 545 -8.17 -9.24 -2.61
N SER B 546 -8.01 -10.23 -1.73
CA SER B 546 -8.55 -11.57 -1.98
C SER B 546 -10.05 -11.61 -1.83
N GLU B 547 -10.59 -10.82 -0.94
CA GLU B 547 -12.02 -10.76 -0.68
C GLU B 547 -12.57 -9.45 -1.23
N PRO B 548 -13.88 -9.38 -1.49
CA PRO B 548 -14.48 -8.13 -1.93
C PRO B 548 -14.35 -7.03 -0.89
N TRP B 549 -14.31 -5.78 -1.36
CA TRP B 549 -14.20 -4.67 -0.42
C TRP B 549 -15.44 -4.53 0.44
N THR B 550 -16.59 -5.01 -0.06
CA THR B 550 -17.80 -5.02 0.73
C THR B 550 -17.69 -6.00 1.88
N LEU B 551 -17.03 -7.14 1.65
CA LEU B 551 -16.87 -8.14 2.70
C LEU B 551 -15.89 -7.65 3.75
N ALA B 552 -14.84 -6.95 3.32
CA ALA B 552 -13.87 -6.38 4.26
C ALA B 552 -14.52 -5.31 5.10
N LEU B 553 -15.39 -4.50 4.47
CA LEU B 553 -16.13 -3.49 5.18
C LEU B 553 -17.07 -4.15 6.18
N GLU B 554 -17.69 -5.27 5.82
CA GLU B 554 -18.57 -5.98 6.76
C GLU B 554 -17.75 -6.58 7.89
N ASN B 555 -16.49 -6.91 7.62
CA ASN B 555 -15.62 -7.45 8.65
C ASN B 555 -15.31 -6.38 9.70
N VAL B 556 -15.23 -5.12 9.28
CA VAL B 556 -14.88 -4.10 10.26
C VAL B 556 -16.12 -3.44 10.84
N VAL B 557 -16.96 -2.83 10.01
CA VAL B 557 -18.05 -2.00 10.52
C VAL B 557 -19.37 -2.73 10.60
N GLY B 558 -19.44 -3.98 10.17
CA GLY B 558 -20.71 -4.68 10.18
C GLY B 558 -21.69 -4.22 9.12
N ALA B 559 -21.25 -3.43 8.14
CA ALA B 559 -22.07 -3.01 7.01
C ALA B 559 -21.28 -3.23 5.74
N LYS B 560 -21.99 -3.42 4.63
CA LYS B 560 -21.36 -3.78 3.37
C LYS B 560 -21.34 -2.63 2.37
N ASN B 561 -21.73 -1.43 2.77
CA ASN B 561 -21.80 -0.30 1.86
C ASN B 561 -21.26 0.95 2.53
N MET B 562 -20.95 1.96 1.71
CA MET B 562 -20.45 3.23 2.23
C MET B 562 -21.53 3.86 3.11
N ASN B 563 -21.13 4.32 4.28
CA ASN B 563 -22.07 4.99 5.15
C ASN B 563 -21.52 6.35 5.52
N VAL B 564 -22.39 7.35 5.55
CA VAL B 564 -21.97 8.69 5.91
C VAL B 564 -22.30 9.01 7.37
N ARG B 565 -23.04 8.13 8.06
CA ARG B 565 -23.40 8.38 9.45
C ARG B 565 -22.20 8.51 10.39
N PRO B 566 -21.12 7.70 10.29
CA PRO B 566 -19.95 7.96 11.15
C PRO B 566 -19.32 9.33 10.95
N LEU B 567 -19.29 9.85 9.72
CA LEU B 567 -18.66 11.15 9.49
C LEU B 567 -19.48 12.26 10.14
N LEU B 568 -20.80 12.20 10.01
CA LEU B 568 -21.64 13.24 10.59
C LEU B 568 -21.71 13.07 12.10
N ASN B 569 -21.55 11.84 12.58
CA ASN B 569 -21.51 11.59 14.02
C ASN B 569 -20.19 12.09 14.61
N TYR B 570 -19.13 12.08 13.81
CA TYR B 570 -17.84 12.60 14.24
C TYR B 570 -17.91 14.11 14.40
N PHE B 571 -18.62 14.79 13.51
CA PHE B 571 -18.68 16.24 13.51
C PHE B 571 -19.96 16.75 14.15
N GLU B 572 -20.54 15.95 15.07
CA GLU B 572 -21.82 16.32 15.67
C GLU B 572 -21.73 17.56 16.58
N PRO B 573 -20.75 17.71 17.49
CA PRO B 573 -20.75 18.94 18.30
C PRO B 573 -20.44 20.17 17.47
N LEU B 574 -19.61 20.01 16.44
CA LEU B 574 -19.34 21.11 15.53
C LEU B 574 -20.59 21.44 14.72
N PHE B 575 -21.39 20.42 14.39
CA PHE B 575 -22.64 20.67 13.67
C PHE B 575 -23.61 21.47 14.52
N THR B 576 -23.73 21.13 15.82
CA THR B 576 -24.60 21.88 16.72
C THR B 576 -24.09 23.30 16.89
N TRP B 577 -22.76 23.46 16.98
CA TRP B 577 -22.16 24.78 17.16
C TRP B 577 -22.38 25.63 15.92
N LEU B 578 -22.26 25.02 14.74
CA LEU B 578 -22.42 25.76 13.49
C LEU B 578 -23.87 26.13 13.30
N LYS B 579 -24.79 25.29 13.79
CA LYS B 579 -26.20 25.63 13.76
C LYS B 579 -26.47 26.79 14.69
N ASP B 580 -25.73 26.87 15.80
CA ASP B 580 -25.98 27.93 16.78
C ASP B 580 -25.49 29.26 16.25
N GLN B 581 -24.34 29.29 15.56
CA GLN B 581 -23.77 30.56 15.16
C GLN B 581 -24.14 30.96 13.74
N ASN B 582 -25.03 30.23 13.08
CA ASN B 582 -25.53 30.61 11.77
C ASN B 582 -26.97 31.07 11.85
N LYS B 583 -27.43 31.48 13.03
CA LYS B 583 -28.80 31.96 13.19
C LYS B 583 -28.98 33.29 12.47
N ASN B 584 -28.01 34.20 12.62
CA ASN B 584 -28.13 35.51 12.01
C ASN B 584 -27.82 35.44 10.52
N SER B 585 -26.88 34.59 10.12
CA SER B 585 -26.45 34.51 8.74
C SER B 585 -27.39 33.61 7.94
N PHE B 586 -27.18 33.60 6.62
CA PHE B 586 -27.98 32.80 5.72
C PHE B 586 -27.22 31.54 5.33
N VAL B 587 -27.78 30.38 5.68
CA VAL B 587 -27.18 29.11 5.30
C VAL B 587 -27.59 28.81 3.87
N GLY B 588 -26.68 28.27 3.07
CA GLY B 588 -26.96 28.02 1.67
C GLY B 588 -26.46 29.14 0.79
N TRP B 589 -26.41 28.87 -0.51
CA TRP B 589 -25.90 29.84 -1.47
C TRP B 589 -26.83 29.92 -2.68
N SER B 590 -26.64 30.97 -3.45
CA SER B 590 -27.37 31.19 -4.69
C SER B 590 -26.40 31.05 -5.87
N THR B 591 -26.91 30.55 -6.99
CA THR B 591 -26.01 30.31 -8.12
C THR B 591 -25.79 31.55 -8.96
N ASP B 592 -26.40 32.67 -8.60
CA ASP B 592 -26.20 33.93 -9.30
C ASP B 592 -24.78 34.45 -9.02
N TRP B 593 -24.32 35.39 -9.84
CA TRP B 593 -22.95 35.89 -9.73
C TRP B 593 -22.85 37.08 -8.80
N SER B 594 -23.67 37.11 -7.74
CA SER B 594 -23.75 38.26 -6.84
C SER B 594 -22.44 38.68 -6.17
N PRO B 595 -21.57 37.78 -5.66
CA PRO B 595 -20.26 38.28 -5.19
C PRO B 595 -19.43 38.87 -6.31
N TYR B 596 -19.23 38.12 -7.39
CA TYR B 596 -18.51 38.59 -8.56
C TYR B 596 -18.94 37.69 -9.71
C1 NAG C . -6.40 -8.34 -25.08
C2 NAG C . -7.80 -8.94 -25.15
C3 NAG C . -7.75 -10.28 -25.86
C4 NAG C . -7.13 -10.12 -27.25
C5 NAG C . -5.75 -9.49 -27.13
C6 NAG C . -5.09 -9.19 -28.45
C7 NAG C . -9.05 -8.16 -23.19
C8 NAG C . -9.55 -8.50 -21.82
N2 NAG C . -8.35 -9.10 -23.81
O3 NAG C . -9.07 -10.80 -25.97
O4 NAG C . -7.00 -11.39 -27.86
O5 NAG C . -5.85 -8.23 -26.42
O6 NAG C . -5.94 -8.41 -29.28
O7 NAG C . -9.27 -7.07 -23.70
C1 NAG C . -7.90 -11.51 -28.99
C2 NAG C . -7.59 -12.79 -29.75
C3 NAG C . -8.51 -12.89 -30.95
C4 NAG C . -9.96 -12.86 -30.47
C5 NAG C . -10.20 -11.57 -29.68
C6 NAG C . -11.60 -11.48 -29.12
C7 NAG C . -5.25 -13.48 -29.47
C8 NAG C . -3.87 -13.41 -30.05
N2 NAG C . -6.20 -12.83 -30.16
O3 NAG C . -8.25 -14.09 -31.67
O4 NAG C . -10.85 -12.92 -31.58
O5 NAG C . -9.29 -11.53 -28.57
O6 NAG C . -11.94 -12.64 -28.40
O7 NAG C . -5.50 -14.07 -28.42
C1 NAG D . -1.79 1.33 28.01
C2 NAG D . -2.07 2.63 28.74
C3 NAG D . -0.76 3.25 29.23
C4 NAG D . -0.04 2.25 30.12
C5 NAG D . 0.18 0.94 29.35
C6 NAG D . 0.80 -0.15 30.19
C7 NAG D . -2.52 4.13 26.75
C8 NAG D . -3.54 5.05 26.16
N2 NAG D . -2.86 3.58 27.94
O3 NAG D . -1.05 4.45 29.95
O4 NAG D . 1.21 2.79 30.53
O5 NAG D . -1.08 0.43 28.89
O6 NAG D . -0.10 -0.59 31.20
O7 NAG D . -1.45 3.91 26.19
C1 NAG D . 1.21 3.01 31.96
C2 NAG D . 2.64 3.17 32.43
C3 NAG D . 2.68 3.43 33.93
C4 NAG D . 1.83 4.65 34.27
C5 NAG D . 0.41 4.45 33.74
C6 NAG D . -0.46 5.67 33.94
C7 NAG D . 4.19 1.90 31.00
C8 NAG D . 4.93 0.61 30.82
N2 NAG D . 3.43 1.99 32.10
O3 NAG D . 4.03 3.66 34.34
O4 NAG D . 1.78 4.83 35.67
O5 NAG D . 0.44 4.19 32.33
O6 NAG D . -0.48 6.07 35.30
O7 NAG D . 4.27 2.82 30.19
C1 NAG E . 33.17 -23.68 10.81
C2 NAG E . 34.65 -24.07 10.80
C3 NAG E . 35.54 -22.87 11.12
C4 NAG E . 35.24 -21.71 10.18
C5 NAG E . 33.75 -21.38 10.18
C6 NAG E . 33.37 -20.34 9.15
C7 NAG E . 35.04 -26.42 11.40
C8 NAG E . 35.28 -27.39 12.52
N2 NAG E . 34.90 -25.14 11.75
O3 NAG E . 36.90 -23.25 10.99
O4 NAG E . 35.98 -20.56 10.57
O5 NAG E . 32.96 -22.54 9.92
O6 NAG E . 34.50 -19.59 8.73
O7 NAG E . 34.98 -26.79 10.23
C1 NAG F . 24.87 7.02 -3.53
C2 NAG F . 25.53 6.00 -2.62
C3 NAG F . 27.05 6.17 -2.65
C4 NAG F . 27.56 6.09 -4.08
C5 NAG F . 26.84 7.13 -4.94
C6 NAG F . 27.22 7.05 -6.40
C7 NAG F . 24.41 5.09 -0.63
C8 NAG F . 23.95 5.35 0.76
N2 NAG F . 25.02 6.09 -1.26
O3 NAG F . 27.65 5.16 -1.85
O4 NAG F . 28.96 6.35 -4.11
O5 NAG F . 25.42 6.93 -4.87
O6 NAG F . 28.62 7.07 -6.57
O7 NAG F . 24.22 4.00 -1.18
C1 NAG G . -8.60 -21.67 -4.43
C2 NAG G . -9.30 -22.53 -3.37
C3 NAG G . -8.53 -22.46 -2.06
C4 NAG G . -7.08 -22.88 -2.28
C5 NAG G . -6.45 -22.01 -3.36
C6 NAG G . -5.05 -22.42 -3.72
C7 NAG G . -11.73 -22.88 -3.47
C8 NAG G . -13.07 -22.28 -3.19
N2 NAG G . -10.68 -22.11 -3.17
O3 NAG G . -9.14 -23.32 -1.10
O4 NAG G . -6.35 -22.73 -1.07
O5 NAG G . -7.23 -22.09 -4.57
O6 NAG G . -4.60 -21.80 -4.92
O7 NAG G . -11.60 -24.01 -3.93
C1 NAG H . 7.94 -7.29 19.98
C2 NAG H . 8.80 -6.48 20.95
C3 NAG H . 8.88 -7.19 22.30
C4 NAG H . 7.48 -7.44 22.83
C5 NAG H . 6.65 -8.22 21.81
C6 NAG H . 5.21 -8.40 22.24
C7 NAG H . 10.88 -5.18 20.66
C8 NAG H . 12.22 -5.15 20.01
N2 NAG H . 10.13 -6.27 20.41
O3 NAG H . 9.61 -6.40 23.23
O4 NAG H . 7.55 -8.19 24.04
O5 NAG H . 6.62 -7.52 20.56
O6 NAG H . 4.37 -8.58 21.10
O7 NAG H . 10.48 -4.28 21.39
C1 NAG I . -18.86 25.29 26.86
C2 NAG I . -19.94 26.00 26.04
C3 NAG I . -20.57 27.13 26.86
C4 NAG I . -21.08 26.60 28.19
C5 NAG I . -19.96 25.89 28.94
C6 NAG I . -20.44 25.22 30.22
C7 NAG I . -19.46 25.82 23.64
C8 NAG I . -18.86 26.49 22.45
N2 NAG I . -19.41 26.50 24.79
O3 NAG I . -21.64 27.70 26.13
O4 NAG I . -21.59 27.67 28.98
O5 NAG I . -19.41 24.84 28.12
O6 NAG I . -21.80 24.82 30.12
O7 NAG I . -19.96 24.70 23.58
#